data_1KPG
#
_entry.id   1KPG
#
_cell.length_a   77.323
_cell.length_b   77.323
_cell.length_c   173.490
_cell.angle_alpha   90.00
_cell.angle_beta   90.00
_cell.angle_gamma   90.00
#
_symmetry.space_group_name_H-M   'P 43'
#
loop_
_entity.id
_entity.type
_entity.pdbx_description
1 polymer 'CYCLOPROPANE-FATTY-ACYL-PHOSPHOLIPID SYNTHASE 1'
2 non-polymer 'CARBONATE ION'
3 non-polymer S-ADENOSYL-L-HOMOCYSTEINE
4 non-polymer CETYL-TRIMETHYL-AMMONIUM
5 water water
#
_entity_poly.entity_id   1
_entity_poly.type   'polypeptide(L)'
_entity_poly.pdbx_seq_one_letter_code
;(MSE)PDELKPHFANVQAHYDLSDDFFRLFLDPTQTYSCAYFERDD(MSE)TLQEAQIAKIDLALGKLGLQPG(MSE)TL
LDVGCGWGAT(MSE)(MSE)RAVEKYDVNVVGLTLSKNQANHVQQLVANSENLRSKRVLLAGWEQFDEPVDRIVSIGAFE
HFGHERYDAFFSLAHRLLPADGV(MSE)LLHTITGLHPKEIHERGLP(MSE)SFTFARFLKFIVTEIFPGGRLPSIP
(MSE)VQECASANGFTVTRVQSLQPHYAKTLDLWSAALQANKGQAIALQSEEVYERY(MSE)KYLTGCAE(MSE)FRIGY
IDVNQFTCQK
;
_entity_poly.pdbx_strand_id   A,B,C,D
#
# COMPACT_ATOMS: atom_id res chain seq x y z
N ASP A 3 -34.05 -28.98 21.19
CA ASP A 3 -35.06 -29.83 21.88
C ASP A 3 -34.38 -30.78 22.87
N GLU A 4 -33.49 -31.64 22.36
CA GLU A 4 -32.78 -32.56 23.23
C GLU A 4 -31.82 -31.72 24.07
N LEU A 5 -31.26 -30.68 23.45
CA LEU A 5 -30.36 -29.75 24.12
C LEU A 5 -30.85 -28.32 23.85
N LYS A 6 -31.32 -27.65 24.88
CA LYS A 6 -31.83 -26.29 24.75
C LYS A 6 -30.71 -25.25 24.69
N PRO A 7 -30.58 -24.52 23.57
CA PRO A 7 -29.53 -23.52 23.47
C PRO A 7 -29.67 -22.46 24.57
N HIS A 8 -28.55 -21.94 25.05
CA HIS A 8 -28.55 -20.93 26.11
C HIS A 8 -28.75 -19.52 25.55
N PHE A 9 -29.93 -19.27 24.98
CA PHE A 9 -30.24 -17.98 24.40
C PHE A 9 -30.00 -16.79 25.34
N ALA A 10 -30.57 -16.85 26.54
CA ALA A 10 -30.44 -15.76 27.50
C ALA A 10 -29.01 -15.40 27.88
N ASN A 11 -28.19 -16.40 28.14
CA ASN A 11 -26.81 -16.15 28.51
C ASN A 11 -26.02 -15.42 27.43
N VAL A 12 -26.21 -15.87 26.19
CA VAL A 12 -25.52 -15.28 25.05
C VAL A 12 -26.08 -13.93 24.66
N GLN A 13 -27.41 -13.83 24.62
CA GLN A 13 -28.07 -12.57 24.27
C GLN A 13 -27.77 -11.49 25.31
N ALA A 14 -27.52 -11.90 26.54
CA ALA A 14 -27.22 -10.95 27.60
C ALA A 14 -26.03 -10.07 27.19
N HIS A 15 -25.12 -10.62 26.41
CA HIS A 15 -23.97 -9.88 25.94
C HIS A 15 -24.20 -9.27 24.55
N TYR A 16 -24.32 -10.12 23.54
CA TYR A 16 -24.47 -9.69 22.15
C TYR A 16 -25.69 -8.86 21.75
N ASP A 17 -26.77 -8.95 22.52
CA ASP A 17 -27.96 -8.17 22.18
C ASP A 17 -28.06 -6.89 22.99
N LEU A 18 -26.92 -6.39 23.45
CA LEU A 18 -26.86 -5.16 24.23
C LEU A 18 -27.33 -4.00 23.35
N SER A 19 -26.76 -3.93 22.14
CA SER A 19 -27.08 -2.89 21.16
C SER A 19 -26.01 -2.83 20.08
N ASP A 20 -26.40 -3.04 18.82
CA ASP A 20 -25.44 -2.99 17.72
C ASP A 20 -24.66 -1.68 17.71
N ASP A 21 -25.36 -0.58 17.95
CA ASP A 21 -24.73 0.73 17.95
C ASP A 21 -23.64 0.85 19.00
N PHE A 22 -23.79 0.12 20.11
CA PHE A 22 -22.79 0.14 21.17
C PHE A 22 -21.54 -0.59 20.72
N PHE A 23 -21.72 -1.80 20.21
CA PHE A 23 -20.58 -2.59 19.76
C PHE A 23 -19.87 -1.84 18.62
N ARG A 24 -20.66 -1.12 17.81
CA ARG A 24 -20.08 -0.35 16.71
C ARG A 24 -19.07 0.69 17.22
N LEU A 25 -19.13 1.00 18.50
CA LEU A 25 -18.22 1.97 19.10
C LEU A 25 -16.79 1.47 19.30
N PHE A 26 -16.55 0.17 19.18
CA PHE A 26 -15.18 -0.31 19.33
C PHE A 26 -14.69 -1.39 18.36
N LEU A 27 -15.61 -2.05 17.68
CA LEU A 27 -15.24 -3.09 16.70
C LEU A 27 -14.93 -2.44 15.35
N ASP A 28 -14.17 -3.13 14.50
CA ASP A 28 -13.88 -2.54 13.20
C ASP A 28 -15.18 -2.55 12.37
N PRO A 29 -15.19 -1.85 11.22
CA PRO A 29 -16.36 -1.77 10.34
C PRO A 29 -17.07 -3.10 10.06
N THR A 30 -16.31 -4.18 9.87
CA THR A 30 -16.90 -5.49 9.60
C THR A 30 -17.64 -6.08 10.80
N GLN A 31 -17.47 -5.46 11.96
CA GLN A 31 -18.09 -5.92 13.20
C GLN A 31 -17.57 -7.28 13.64
N THR A 32 -16.34 -7.61 13.24
CA THR A 32 -15.74 -8.89 13.63
C THR A 32 -15.41 -8.75 15.12
N TYR A 33 -15.90 -9.71 15.91
CA TYR A 33 -15.73 -9.68 17.37
C TYR A 33 -14.91 -10.89 17.82
N SER A 34 -13.64 -10.89 17.42
CA SER A 34 -12.73 -11.97 17.74
C SER A 34 -11.30 -11.51 17.45
N CYS A 35 -10.33 -12.36 17.78
CA CYS A 35 -8.93 -12.01 17.58
C CYS A 35 -8.54 -11.77 16.13
N ALA A 36 -7.95 -10.62 15.86
CA ALA A 36 -7.53 -10.30 14.49
C ALA A 36 -6.15 -10.92 14.27
N TYR A 37 -5.71 -10.91 13.02
CA TYR A 37 -4.42 -11.47 12.66
C TYR A 37 -3.57 -10.41 11.97
N PHE A 38 -2.60 -9.87 12.71
CA PHE A 38 -1.72 -8.86 12.15
C PHE A 38 -0.62 -9.56 11.38
N GLU A 39 -1.02 -10.10 10.23
CA GLU A 39 -0.11 -10.81 9.34
C GLU A 39 1.11 -9.93 9.10
N ARG A 40 0.87 -8.66 8.82
CA ARG A 40 1.95 -7.69 8.62
C ARG A 40 1.80 -6.78 9.84
N ASP A 41 2.92 -6.41 10.45
CA ASP A 41 2.88 -5.56 11.64
C ASP A 41 2.23 -4.20 11.48
N ASP A 42 2.04 -3.73 10.26
CA ASP A 42 1.46 -2.41 10.04
C ASP A 42 0.01 -2.41 9.57
N THR A 44 -4.08 -2.35 9.62
CA THR A 44 -5.06 -1.65 10.42
C THR A 44 -5.90 -2.76 11.05
N LEU A 45 -6.73 -2.41 12.02
CA LEU A 45 -7.55 -3.43 12.67
C LEU A 45 -8.42 -4.14 11.62
N GLN A 46 -8.97 -3.37 10.70
CA GLN A 46 -9.82 -3.91 9.65
C GLN A 46 -9.09 -4.91 8.76
N GLU A 47 -7.90 -4.54 8.30
CA GLU A 47 -7.10 -5.42 7.43
C GLU A 47 -6.75 -6.69 8.20
N ALA A 48 -6.44 -6.52 9.49
CA ALA A 48 -6.09 -7.65 10.35
C ALA A 48 -7.26 -8.61 10.56
N GLN A 49 -8.48 -8.10 10.59
CA GLN A 49 -9.65 -8.97 10.79
C GLN A 49 -9.91 -9.78 9.52
N ILE A 50 -9.67 -9.18 8.37
CA ILE A 50 -9.87 -9.87 7.10
C ILE A 50 -8.78 -10.94 6.97
N ALA A 51 -7.59 -10.61 7.46
CA ALA A 51 -6.46 -11.52 7.43
C ALA A 51 -6.77 -12.74 8.29
N LYS A 52 -7.46 -12.50 9.40
CA LYS A 52 -7.84 -13.59 10.29
C LYS A 52 -8.93 -14.44 9.62
N ILE A 53 -9.88 -13.79 8.95
CA ILE A 53 -10.94 -14.51 8.27
C ILE A 53 -10.36 -15.38 7.14
N ASP A 54 -9.43 -14.82 6.38
CA ASP A 54 -8.81 -15.58 5.28
C ASP A 54 -7.95 -16.72 5.85
N LEU A 55 -7.28 -16.48 6.97
CA LEU A 55 -6.46 -17.51 7.62
C LEU A 55 -7.31 -18.71 7.97
N ALA A 56 -8.49 -18.44 8.55
CA ALA A 56 -9.42 -19.49 8.94
C ALA A 56 -10.02 -20.18 7.70
N LEU A 57 -10.60 -19.39 6.80
CA LEU A 57 -11.22 -19.94 5.59
C LEU A 57 -10.24 -20.63 4.65
N GLY A 58 -8.98 -20.20 4.68
CA GLY A 58 -7.98 -20.79 3.80
C GLY A 58 -7.53 -22.18 4.20
N LYS A 59 -7.96 -22.64 5.37
CA LYS A 59 -7.57 -23.96 5.85
C LYS A 59 -8.64 -25.01 5.59
N LEU A 60 -9.77 -24.60 5.01
CA LEU A 60 -10.88 -25.52 4.76
C LEU A 60 -10.99 -26.13 3.37
N GLY A 61 -10.05 -25.82 2.49
CA GLY A 61 -10.10 -26.36 1.14
C GLY A 61 -11.41 -26.08 0.41
N LEU A 62 -11.89 -24.84 0.53
CA LEU A 62 -13.14 -24.44 -0.11
C LEU A 62 -13.12 -24.49 -1.63
N GLN A 63 -14.28 -24.81 -2.20
CA GLN A 63 -14.45 -24.87 -3.64
C GLN A 63 -15.83 -24.31 -3.94
N PRO A 64 -15.99 -23.64 -5.09
CA PRO A 64 -17.28 -23.06 -5.47
C PRO A 64 -18.43 -24.07 -5.38
N GLY A 65 -19.55 -23.64 -4.80
CA GLY A 65 -20.69 -24.53 -4.68
C GLY A 65 -20.79 -25.24 -3.36
N THR A 67 -21.09 -25.82 0.72
CA THR A 67 -21.93 -25.17 1.71
C THR A 67 -21.13 -25.06 2.99
N LEU A 68 -20.86 -23.84 3.40
CA LEU A 68 -20.09 -23.61 4.61
C LEU A 68 -21.00 -23.27 5.79
N LEU A 69 -20.74 -23.91 6.93
CA LEU A 69 -21.53 -23.67 8.13
C LEU A 69 -20.72 -22.82 9.11
N ASP A 70 -21.24 -21.65 9.46
CA ASP A 70 -20.57 -20.77 10.41
C ASP A 70 -21.31 -20.85 11.74
N VAL A 71 -20.71 -21.55 12.70
CA VAL A 71 -21.32 -21.70 14.02
C VAL A 71 -20.92 -20.52 14.90
N GLY A 72 -21.89 -19.63 15.15
CA GLY A 72 -21.64 -18.44 15.94
C GLY A 72 -21.18 -17.35 14.98
N CYS A 73 -21.99 -17.10 13.97
CA CYS A 73 -21.66 -16.13 12.91
C CYS A 73 -21.54 -14.67 13.26
N GLY A 74 -21.85 -14.30 14.50
CA GLY A 74 -21.74 -12.91 14.90
C GLY A 74 -22.48 -12.00 13.92
N TRP A 75 -21.87 -10.88 13.56
CA TRP A 75 -22.50 -9.95 12.63
C TRP A 75 -22.28 -10.26 11.14
N GLY A 76 -21.95 -11.52 10.87
CA GLY A 76 -21.79 -12.00 9.50
C GLY A 76 -20.60 -11.73 8.60
N ALA A 77 -19.55 -11.07 9.08
CA ALA A 77 -18.42 -10.78 8.21
C ALA A 77 -17.78 -12.01 7.56
N THR A 78 -17.61 -13.07 8.34
CA THR A 78 -16.99 -14.29 7.83
C THR A 78 -17.83 -14.96 6.74
N ARG A 81 -17.79 -12.97 3.42
CA ARG A 81 -16.52 -13.04 2.70
C ARG A 81 -16.36 -14.42 2.08
N ALA A 82 -16.87 -15.45 2.75
CA ALA A 82 -16.80 -16.80 2.20
C ALA A 82 -17.56 -16.79 0.87
N VAL A 83 -18.73 -16.16 0.89
CA VAL A 83 -19.56 -16.05 -0.30
C VAL A 83 -18.88 -15.26 -1.42
N GLU A 84 -18.57 -14.00 -1.14
CA GLU A 84 -17.94 -13.12 -2.12
C GLU A 84 -16.56 -13.53 -2.60
N LYS A 85 -15.67 -13.87 -1.68
CA LYS A 85 -14.32 -14.26 -2.05
C LYS A 85 -14.14 -15.72 -2.48
N TYR A 86 -14.80 -16.65 -1.80
CA TYR A 86 -14.64 -18.06 -2.13
C TYR A 86 -15.79 -18.74 -2.88
N ASP A 87 -16.84 -17.98 -3.15
CA ASP A 87 -17.98 -18.50 -3.92
C ASP A 87 -18.64 -19.75 -3.36
N VAL A 88 -18.77 -19.84 -2.04
CA VAL A 88 -19.43 -20.98 -1.41
C VAL A 88 -20.78 -20.53 -0.85
N ASN A 89 -21.71 -21.48 -0.72
CA ASN A 89 -23.02 -21.17 -0.15
C ASN A 89 -22.76 -21.14 1.35
N VAL A 90 -23.61 -20.48 2.12
CA VAL A 90 -23.38 -20.43 3.56
C VAL A 90 -24.61 -20.47 4.46
N VAL A 91 -24.41 -20.98 5.67
CA VAL A 91 -25.43 -21.06 6.68
C VAL A 91 -24.78 -20.59 7.97
N GLY A 92 -25.36 -19.55 8.58
CA GLY A 92 -24.81 -19.03 9.82
C GLY A 92 -25.77 -19.21 10.96
N LEU A 93 -25.23 -19.63 12.10
CA LEU A 93 -26.02 -19.83 13.31
C LEU A 93 -25.61 -18.85 14.40
N THR A 94 -26.59 -18.27 15.08
CA THR A 94 -26.32 -17.33 16.18
C THR A 94 -27.48 -17.33 17.15
N LEU A 95 -27.19 -17.08 18.43
CA LEU A 95 -28.24 -17.05 19.45
C LEU A 95 -28.65 -15.61 19.71
N SER A 96 -27.97 -14.68 19.04
CA SER A 96 -28.25 -13.26 19.19
C SER A 96 -29.31 -12.75 18.22
N LYS A 97 -30.33 -12.11 18.76
CA LYS A 97 -31.43 -11.56 17.97
C LYS A 97 -30.95 -10.44 17.07
N ASN A 98 -30.17 -9.52 17.62
CA ASN A 98 -29.66 -8.39 16.84
C ASN A 98 -28.72 -8.83 15.72
N GLN A 99 -27.86 -9.82 15.99
CA GLN A 99 -26.94 -10.29 14.95
C GLN A 99 -27.73 -11.00 13.84
N ALA A 100 -28.73 -11.80 14.23
CA ALA A 100 -29.55 -12.51 13.25
C ALA A 100 -30.23 -11.48 12.34
N ASN A 101 -30.86 -10.48 12.96
CA ASN A 101 -31.53 -9.42 12.22
C ASN A 101 -30.56 -8.65 11.34
N HIS A 102 -29.37 -8.36 11.87
CA HIS A 102 -28.36 -7.63 11.09
C HIS A 102 -27.89 -8.43 9.87
N VAL A 103 -27.53 -9.69 10.08
CA VAL A 103 -27.05 -10.54 8.99
C VAL A 103 -28.15 -10.76 7.97
N GLN A 104 -29.39 -10.85 8.44
CA GLN A 104 -30.52 -11.07 7.53
C GLN A 104 -30.60 -9.90 6.55
N GLN A 105 -30.23 -8.70 7.01
CA GLN A 105 -30.25 -7.52 6.15
C GLN A 105 -29.13 -7.60 5.10
N LEU A 106 -27.97 -8.10 5.52
CA LEU A 106 -26.84 -8.25 4.61
C LEU A 106 -27.26 -9.24 3.52
N VAL A 107 -27.98 -10.28 3.93
CA VAL A 107 -28.46 -11.31 3.00
C VAL A 107 -29.49 -10.72 2.05
N ALA A 108 -30.42 -9.95 2.59
CA ALA A 108 -31.45 -9.34 1.76
C ALA A 108 -30.89 -8.41 0.70
N ASN A 109 -29.82 -7.69 1.03
CA ASN A 109 -29.21 -6.73 0.10
C ASN A 109 -28.05 -7.26 -0.72
N SER A 110 -27.73 -8.54 -0.58
CA SER A 110 -26.62 -9.11 -1.34
C SER A 110 -26.94 -9.23 -2.83
N GLU A 111 -25.95 -8.94 -3.67
CA GLU A 111 -26.13 -9.05 -5.11
C GLU A 111 -25.45 -10.32 -5.62
N ASN A 112 -24.94 -11.12 -4.69
CA ASN A 112 -24.27 -12.37 -5.05
C ASN A 112 -25.32 -13.47 -5.22
N LEU A 113 -25.11 -14.33 -6.19
CA LEU A 113 -26.07 -15.40 -6.48
C LEU A 113 -26.07 -16.59 -5.53
N ARG A 114 -25.01 -16.78 -4.76
CA ARG A 114 -24.94 -17.92 -3.84
C ARG A 114 -26.02 -17.92 -2.76
N SER A 115 -26.27 -19.11 -2.22
CA SER A 115 -27.26 -19.31 -1.18
C SER A 115 -26.67 -18.89 0.16
N LYS A 116 -27.40 -18.03 0.88
CA LYS A 116 -26.95 -17.54 2.18
C LYS A 116 -28.12 -17.59 3.15
N ARG A 117 -27.91 -18.22 4.29
CA ARG A 117 -28.97 -18.30 5.30
C ARG A 117 -28.38 -18.03 6.68
N VAL A 118 -29.16 -17.36 7.51
CA VAL A 118 -28.77 -17.08 8.88
C VAL A 118 -29.95 -17.53 9.72
N LEU A 119 -29.67 -18.25 10.81
CA LEU A 119 -30.72 -18.75 11.67
C LEU A 119 -30.50 -18.36 13.12
N LEU A 120 -31.57 -17.91 13.77
CA LEU A 120 -31.48 -17.56 15.17
C LEU A 120 -31.68 -18.93 15.80
N ALA A 121 -30.58 -19.68 15.87
CA ALA A 121 -30.62 -21.03 16.41
C ALA A 121 -29.22 -21.49 16.78
N GLY A 122 -29.13 -22.45 17.68
CA GLY A 122 -27.83 -22.94 18.06
C GLY A 122 -27.49 -24.16 17.24
N TRP A 123 -26.22 -24.56 17.27
CA TRP A 123 -25.83 -25.76 16.54
C TRP A 123 -26.66 -26.92 17.07
N GLU A 124 -27.14 -26.78 18.31
CA GLU A 124 -27.94 -27.80 18.97
C GLU A 124 -29.23 -28.10 18.21
N GLN A 125 -29.63 -27.20 17.34
CA GLN A 125 -30.87 -27.35 16.59
C GLN A 125 -30.63 -27.46 15.09
N PHE A 126 -29.37 -27.59 14.69
CA PHE A 126 -29.04 -27.68 13.27
C PHE A 126 -28.75 -29.13 12.89
N ASP A 127 -29.55 -29.67 11.98
CA ASP A 127 -29.40 -31.06 11.54
C ASP A 127 -29.42 -31.16 10.03
N GLU A 128 -28.47 -30.49 9.37
CA GLU A 128 -28.37 -30.51 7.92
C GLU A 128 -26.95 -30.86 7.52
N PRO A 129 -26.79 -31.70 6.48
CA PRO A 129 -25.43 -32.04 6.07
C PRO A 129 -24.76 -30.76 5.56
N VAL A 130 -23.47 -30.61 5.81
CA VAL A 130 -22.72 -29.45 5.35
C VAL A 130 -21.36 -29.95 4.84
N ASP A 131 -20.70 -29.16 4.01
CA ASP A 131 -19.40 -29.55 3.47
C ASP A 131 -18.21 -29.21 4.35
N ARG A 132 -18.25 -28.03 4.95
CA ARG A 132 -17.17 -27.57 5.81
C ARG A 132 -17.78 -26.74 6.93
N ILE A 133 -17.05 -26.59 8.03
CA ILE A 133 -17.53 -25.81 9.16
C ILE A 133 -16.45 -24.87 9.68
N VAL A 134 -16.87 -23.68 10.10
CA VAL A 134 -15.96 -22.70 10.67
C VAL A 134 -16.68 -22.15 11.90
N SER A 135 -15.94 -21.99 12.98
CA SER A 135 -16.52 -21.47 14.22
C SER A 135 -15.42 -20.66 14.90
N ILE A 136 -15.64 -19.35 15.02
CA ILE A 136 -14.66 -18.47 15.62
C ILE A 136 -15.21 -17.71 16.85
N GLY A 137 -14.68 -18.04 18.02
CA GLY A 137 -15.10 -17.39 19.24
C GLY A 137 -16.48 -17.74 19.80
N ALA A 138 -17.05 -18.86 19.39
CA ALA A 138 -18.37 -19.28 19.89
C ALA A 138 -18.24 -20.45 20.87
N PHE A 139 -17.23 -21.28 20.63
CA PHE A 139 -16.96 -22.45 21.45
C PHE A 139 -16.92 -22.14 22.95
N GLU A 140 -16.44 -20.96 23.30
CA GLU A 140 -16.34 -20.54 24.70
C GLU A 140 -17.69 -20.42 25.41
N HIS A 141 -18.77 -20.36 24.62
CA HIS A 141 -20.11 -20.23 25.15
C HIS A 141 -20.83 -21.58 25.28
N PHE A 142 -20.25 -22.62 24.69
CA PHE A 142 -20.88 -23.94 24.73
C PHE A 142 -20.95 -24.55 26.11
N GLY A 143 -19.88 -24.39 26.89
CA GLY A 143 -19.86 -24.94 28.23
C GLY A 143 -19.27 -26.33 28.24
N HIS A 144 -18.63 -26.70 29.35
CA HIS A 144 -18.00 -28.02 29.49
C HIS A 144 -18.94 -29.18 29.18
N GLU A 145 -20.23 -29.01 29.49
CA GLU A 145 -21.23 -30.04 29.26
C GLU A 145 -21.75 -30.20 27.84
N ARG A 146 -21.25 -29.40 26.90
CA ARG A 146 -21.69 -29.48 25.51
C ARG A 146 -20.53 -29.78 24.56
N TYR A 147 -19.31 -29.62 25.05
CA TYR A 147 -18.11 -29.85 24.25
C TYR A 147 -18.16 -31.14 23.44
N ASP A 148 -18.39 -32.26 24.12
CA ASP A 148 -18.45 -33.53 23.44
C ASP A 148 -19.59 -33.56 22.44
N ALA A 149 -20.77 -33.12 22.88
CA ALA A 149 -21.94 -33.07 22.01
C ALA A 149 -21.68 -32.22 20.77
N PHE A 150 -20.94 -31.13 20.95
CA PHE A 150 -20.61 -30.28 19.80
C PHE A 150 -19.75 -31.00 18.77
N PHE A 151 -18.60 -31.52 19.19
CA PHE A 151 -17.72 -32.23 18.25
C PHE A 151 -18.39 -33.40 17.55
N SER A 152 -19.21 -34.14 18.29
CA SER A 152 -19.91 -35.27 17.72
C SER A 152 -20.81 -34.80 16.60
N LEU A 153 -21.50 -33.69 16.82
CA LEU A 153 -22.41 -33.14 15.82
C LEU A 153 -21.64 -32.65 14.60
N ALA A 154 -20.53 -31.94 14.84
CA ALA A 154 -19.73 -31.40 13.74
C ALA A 154 -19.15 -32.53 12.89
N HIS A 155 -18.65 -33.56 13.56
CA HIS A 155 -18.08 -34.68 12.83
C HIS A 155 -19.13 -35.42 12.04
N ARG A 156 -20.36 -35.42 12.55
CA ARG A 156 -21.47 -36.11 11.88
C ARG A 156 -21.96 -35.39 10.63
N LEU A 157 -22.23 -34.08 10.76
CA LEU A 157 -22.73 -33.29 9.63
C LEU A 157 -21.74 -33.10 8.47
N LEU A 158 -20.45 -33.14 8.79
CA LEU A 158 -19.38 -32.96 7.79
C LEU A 158 -19.29 -34.15 6.80
N PRO A 159 -18.75 -33.92 5.59
CA PRO A 159 -18.64 -35.01 4.61
C PRO A 159 -17.43 -35.89 4.96
N ALA A 160 -17.25 -36.95 4.18
CA ALA A 160 -16.15 -37.88 4.40
C ALA A 160 -14.80 -37.19 4.58
N ASP A 161 -14.47 -36.26 3.71
CA ASP A 161 -13.19 -35.57 3.81
C ASP A 161 -13.38 -34.16 4.37
N GLY A 162 -14.40 -34.03 5.21
CA GLY A 162 -14.70 -32.74 5.81
C GLY A 162 -13.62 -32.16 6.69
N VAL A 163 -13.76 -30.87 6.96
CA VAL A 163 -12.83 -30.16 7.79
C VAL A 163 -13.55 -29.04 8.54
N LEU A 165 -12.65 -25.69 11.08
CA LEU A 165 -11.63 -24.83 11.64
C LEU A 165 -12.29 -24.25 12.89
N LEU A 166 -11.79 -24.69 14.04
CA LEU A 166 -12.30 -24.23 15.32
C LEU A 166 -11.30 -23.23 15.88
N HIS A 167 -11.72 -21.98 15.96
CA HIS A 167 -10.90 -20.90 16.48
C HIS A 167 -11.52 -20.54 17.83
N THR A 168 -10.76 -20.75 18.90
CA THR A 168 -11.27 -20.46 20.24
C THR A 168 -10.20 -20.03 21.21
N ILE A 169 -10.61 -19.25 22.19
CA ILE A 169 -9.73 -18.79 23.25
C ILE A 169 -9.48 -20.02 24.11
N THR A 170 -8.31 -20.09 24.74
CA THR A 170 -7.97 -21.21 25.60
C THR A 170 -7.20 -20.61 26.76
N GLY A 171 -7.17 -21.31 27.90
CA GLY A 171 -6.44 -20.74 29.01
C GLY A 171 -5.87 -21.74 30.00
N LEU A 172 -4.97 -21.25 30.85
CA LEU A 172 -4.34 -22.06 31.88
C LEU A 172 -5.19 -21.96 33.15
N HIS A 173 -5.17 -23.02 33.94
CA HIS A 173 -5.94 -23.06 35.19
C HIS A 173 -5.15 -22.30 36.26
N PRO A 174 -5.82 -21.36 36.95
CA PRO A 174 -5.19 -20.55 38.00
C PRO A 174 -4.40 -21.36 39.02
N LYS A 175 -4.93 -22.51 39.40
CA LYS A 175 -4.28 -23.38 40.39
C LYS A 175 -3.10 -24.16 39.80
N GLU A 176 -2.57 -23.68 38.69
CA GLU A 176 -1.42 -24.30 38.04
C GLU A 176 -0.37 -23.23 37.78
N ILE A 177 -0.83 -22.01 37.50
CA ILE A 177 0.05 -20.88 37.27
C ILE A 177 0.79 -20.57 38.56
N HIS A 178 0.16 -20.91 39.67
CA HIS A 178 0.73 -20.70 41.00
C HIS A 178 1.87 -21.67 41.31
N GLU A 179 1.72 -22.91 40.85
CA GLU A 179 2.72 -23.94 41.07
C GLU A 179 4.06 -23.59 40.43
N ARG A 180 4.01 -23.16 39.17
CA ARG A 180 5.21 -22.80 38.43
C ARG A 180 5.90 -21.52 38.91
N GLY A 181 5.37 -20.93 39.97
CA GLY A 181 5.96 -19.72 40.51
C GLY A 181 5.63 -18.43 39.77
N LEU A 182 4.62 -18.46 38.91
CA LEU A 182 4.23 -17.27 38.16
C LEU A 182 3.37 -16.37 39.05
N PRO A 183 3.59 -15.04 38.97
CA PRO A 183 2.84 -14.07 39.78
C PRO A 183 1.37 -13.88 39.37
N SER A 185 -1.54 -15.05 40.28
CA SER A 185 -2.45 -16.17 40.05
C SER A 185 -3.82 -15.83 40.63
N PHE A 186 -3.84 -14.97 41.63
CA PHE A 186 -5.09 -14.56 42.29
C PHE A 186 -5.79 -13.48 41.47
N THR A 187 -4.99 -12.55 40.93
CA THR A 187 -5.53 -11.49 40.11
C THR A 187 -6.17 -12.12 38.88
N PHE A 188 -5.60 -13.24 38.44
CA PHE A 188 -6.09 -13.95 37.28
C PHE A 188 -7.41 -14.66 37.60
N ALA A 189 -7.45 -15.38 38.71
CA ALA A 189 -8.66 -16.10 39.11
C ALA A 189 -9.79 -15.09 39.29
N ARG A 190 -9.46 -13.97 39.93
CA ARG A 190 -10.44 -12.92 40.16
C ARG A 190 -10.91 -12.35 38.82
N PHE A 191 -9.99 -12.25 37.87
CA PHE A 191 -10.28 -11.74 36.54
C PHE A 191 -11.32 -12.62 35.84
N LEU A 192 -11.07 -13.92 35.84
CA LEU A 192 -11.95 -14.90 35.22
C LEU A 192 -13.35 -14.86 35.81
N LYS A 193 -13.43 -14.69 37.12
CA LYS A 193 -14.73 -14.62 37.78
C LYS A 193 -15.50 -13.40 37.27
N PHE A 194 -14.82 -12.26 37.21
CA PHE A 194 -15.45 -11.03 36.74
C PHE A 194 -16.01 -11.22 35.33
N ILE A 195 -15.19 -11.74 34.42
CA ILE A 195 -15.62 -11.96 33.05
C ILE A 195 -16.82 -12.90 32.95
N VAL A 196 -16.74 -14.06 33.58
CA VAL A 196 -17.84 -15.02 33.50
C VAL A 196 -19.13 -14.62 34.20
N THR A 197 -19.06 -13.68 35.14
CA THR A 197 -20.26 -13.27 35.84
C THR A 197 -20.84 -11.95 35.35
N GLU A 198 -20.00 -11.04 34.85
CA GLU A 198 -20.49 -9.74 34.40
C GLU A 198 -20.45 -9.48 32.90
N ILE A 199 -19.67 -10.28 32.17
CA ILE A 199 -19.57 -10.08 30.73
C ILE A 199 -20.14 -11.24 29.91
N PHE A 200 -19.64 -12.44 30.14
CA PHE A 200 -20.12 -13.61 29.42
C PHE A 200 -20.74 -14.65 30.33
N PRO A 201 -21.98 -14.43 30.79
CA PRO A 201 -22.64 -15.40 31.67
C PRO A 201 -22.60 -16.79 31.00
N GLY A 202 -22.27 -17.82 31.78
CA GLY A 202 -22.21 -19.16 31.24
C GLY A 202 -20.93 -19.47 30.48
N GLY A 203 -20.08 -18.45 30.31
CA GLY A 203 -18.84 -18.65 29.59
C GLY A 203 -17.88 -19.59 30.29
N ARG A 204 -17.10 -20.33 29.50
CA ARG A 204 -16.14 -21.29 30.04
C ARG A 204 -14.81 -21.23 29.27
N LEU A 205 -13.71 -21.24 30.01
CA LEU A 205 -12.39 -21.19 29.40
C LEU A 205 -11.85 -22.60 29.12
N PRO A 206 -11.72 -22.95 27.83
CA PRO A 206 -11.22 -24.25 27.38
C PRO A 206 -9.71 -24.35 27.54
N SER A 207 -9.20 -25.57 27.65
CA SER A 207 -7.76 -25.78 27.76
C SER A 207 -7.35 -26.46 26.45
N ILE A 208 -6.13 -26.18 25.97
CA ILE A 208 -5.69 -26.80 24.73
C ILE A 208 -5.82 -28.33 24.82
N PRO A 209 -5.40 -28.92 25.97
CA PRO A 209 -5.50 -30.38 26.10
C PRO A 209 -6.96 -30.85 26.01
N VAL A 211 -9.58 -29.40 24.40
CA VAL A 211 -10.02 -29.38 23.01
C VAL A 211 -9.42 -30.55 22.24
N GLN A 212 -8.11 -30.77 22.39
CA GLN A 212 -7.44 -31.87 21.70
C GLN A 212 -8.11 -33.18 22.01
N GLU A 213 -8.48 -33.36 23.28
CA GLU A 213 -9.12 -34.57 23.75
C GLU A 213 -10.50 -34.80 23.13
N CYS A 214 -11.40 -33.82 23.29
CA CYS A 214 -12.73 -33.94 22.74
C CYS A 214 -12.74 -34.11 21.22
N ALA A 215 -11.82 -33.45 20.54
CA ALA A 215 -11.74 -33.54 19.09
C ALA A 215 -11.39 -34.95 18.64
N SER A 216 -10.30 -35.48 19.18
CA SER A 216 -9.84 -36.82 18.82
C SER A 216 -10.84 -37.88 19.26
N ALA A 217 -11.39 -37.72 20.44
CA ALA A 217 -12.37 -38.67 20.97
C ALA A 217 -13.66 -38.67 20.17
N ASN A 218 -13.79 -37.74 19.22
CA ASN A 218 -14.99 -37.66 18.41
C ASN A 218 -14.78 -37.90 16.92
N GLY A 219 -13.64 -38.51 16.57
CA GLY A 219 -13.37 -38.81 15.18
C GLY A 219 -12.57 -37.79 14.39
N PHE A 220 -12.05 -36.77 15.07
CA PHE A 220 -11.26 -35.76 14.39
C PHE A 220 -9.76 -35.94 14.61
N THR A 221 -8.97 -35.47 13.66
CA THR A 221 -7.53 -35.52 13.73
C THR A 221 -7.07 -34.07 13.62
N VAL A 222 -6.66 -33.49 14.74
CA VAL A 222 -6.19 -32.12 14.75
C VAL A 222 -4.84 -32.07 14.06
N THR A 223 -4.85 -31.68 12.78
CA THR A 223 -3.63 -31.61 11.99
C THR A 223 -2.82 -30.34 12.18
N ARG A 224 -3.36 -29.38 12.92
CA ARG A 224 -2.65 -28.15 13.21
C ARG A 224 -3.29 -27.31 14.31
N VAL A 225 -2.43 -26.71 15.12
CA VAL A 225 -2.85 -25.83 16.19
C VAL A 225 -2.01 -24.57 16.01
N GLN A 226 -2.67 -23.44 15.80
CA GLN A 226 -1.99 -22.17 15.60
C GLN A 226 -2.47 -21.14 16.61
N SER A 227 -1.52 -20.60 17.38
CA SER A 227 -1.83 -19.59 18.40
C SER A 227 -1.67 -18.19 17.84
N LEU A 228 -2.57 -17.29 18.24
CA LEU A 228 -2.55 -15.90 17.79
C LEU A 228 -2.51 -15.01 19.02
N GLN A 229 -2.10 -15.60 20.14
CA GLN A 229 -1.99 -14.95 21.43
C GLN A 229 -1.57 -13.48 21.41
N PRO A 230 -0.37 -13.18 20.88
CA PRO A 230 0.12 -11.79 20.82
C PRO A 230 -0.83 -10.87 20.05
N HIS A 231 -1.50 -11.43 19.04
CA HIS A 231 -2.44 -10.67 18.22
C HIS A 231 -3.68 -10.22 19.00
N TYR A 232 -4.08 -10.97 20.03
CA TYR A 232 -5.25 -10.57 20.78
C TYR A 232 -4.99 -9.38 21.68
N ALA A 233 -3.79 -9.32 22.25
CA ALA A 233 -3.44 -8.21 23.12
C ALA A 233 -3.60 -6.93 22.29
N LYS A 234 -3.05 -6.97 21.08
CA LYS A 234 -3.13 -5.83 20.18
C LYS A 234 -4.59 -5.52 19.81
N THR A 235 -5.32 -6.57 19.43
CA THR A 235 -6.74 -6.42 19.07
C THR A 235 -7.50 -5.75 20.19
N LEU A 236 -7.33 -6.26 21.41
CA LEU A 236 -8.00 -5.70 22.57
C LEU A 236 -7.57 -4.26 22.87
N ASP A 237 -6.30 -3.94 22.65
CA ASP A 237 -5.85 -2.57 22.91
C ASP A 237 -6.51 -1.62 21.92
N LEU A 238 -6.71 -2.08 20.69
CA LEU A 238 -7.32 -1.23 19.68
C LEU A 238 -8.80 -1.05 20.00
N TRP A 239 -9.44 -2.10 20.51
CA TRP A 239 -10.86 -2.01 20.86
C TRP A 239 -11.06 -1.05 22.02
N SER A 240 -10.28 -1.21 23.09
CA SER A 240 -10.42 -0.33 24.24
C SER A 240 -10.07 1.12 23.87
N ALA A 241 -9.07 1.30 23.02
CA ALA A 241 -8.70 2.65 22.61
C ALA A 241 -9.90 3.33 21.95
N ALA A 242 -10.59 2.58 21.10
CA ALA A 242 -11.76 3.12 20.39
C ALA A 242 -12.93 3.39 21.33
N LEU A 243 -13.22 2.45 22.23
CA LEU A 243 -14.33 2.64 23.17
C LEU A 243 -14.10 3.85 24.09
N GLN A 244 -12.86 4.09 24.47
CA GLN A 244 -12.56 5.22 25.36
C GLN A 244 -12.83 6.56 24.71
N ALA A 245 -12.41 6.70 23.45
CA ALA A 245 -12.62 7.93 22.71
C ALA A 245 -14.11 8.11 22.43
N ASN A 246 -14.86 7.01 22.53
CA ASN A 246 -16.30 7.03 22.30
C ASN A 246 -17.08 6.99 23.61
N LYS A 247 -16.40 7.29 24.71
CA LYS A 247 -17.06 7.27 26.03
C LYS A 247 -18.39 8.00 26.05
N GLY A 248 -18.41 9.21 25.48
CA GLY A 248 -19.63 9.99 25.44
C GLY A 248 -20.79 9.24 24.79
N GLN A 249 -20.54 8.70 23.59
CA GLN A 249 -21.57 7.96 22.89
C GLN A 249 -21.93 6.67 23.61
N ALA A 250 -20.94 6.10 24.31
CA ALA A 250 -21.17 4.85 25.03
C ALA A 250 -22.18 5.06 26.15
N ILE A 251 -21.93 6.08 26.98
CA ILE A 251 -22.82 6.38 28.09
C ILE A 251 -24.19 6.82 27.58
N ALA A 252 -24.20 7.64 26.53
CA ALA A 252 -25.45 8.12 25.95
C ALA A 252 -26.29 6.96 25.40
N LEU A 253 -25.66 6.06 24.64
CA LEU A 253 -26.39 4.92 24.08
C LEU A 253 -26.73 3.92 25.18
N GLN A 254 -25.86 3.79 26.16
CA GLN A 254 -26.09 2.86 27.26
C GLN A 254 -26.10 3.56 28.61
N SER A 255 -25.01 3.43 29.36
CA SER A 255 -24.89 4.06 30.68
C SER A 255 -23.42 4.06 31.10
N GLU A 256 -23.08 4.81 32.15
CA GLU A 256 -21.70 4.85 32.61
C GLU A 256 -21.34 3.49 33.18
N GLU A 257 -22.36 2.78 33.68
CA GLU A 257 -22.19 1.47 34.26
C GLU A 257 -21.69 0.50 33.17
N VAL A 258 -22.39 0.47 32.05
CA VAL A 258 -21.99 -0.41 30.94
C VAL A 258 -20.63 0.01 30.41
N TYR A 259 -20.44 1.31 30.22
CA TYR A 259 -19.17 1.81 29.72
C TYR A 259 -18.00 1.33 30.57
N GLU A 260 -18.06 1.63 31.86
CA GLU A 260 -17.03 1.27 32.83
C GLU A 260 -16.77 -0.24 32.87
N ARG A 261 -17.85 -1.01 32.79
CA ARG A 261 -17.76 -2.46 32.82
C ARG A 261 -17.03 -3.00 31.59
N TYR A 262 -17.40 -2.52 30.40
CA TYR A 262 -16.74 -2.99 29.19
C TYR A 262 -15.29 -2.58 29.08
N LYS A 264 -13.27 -2.24 31.65
CA LYS A 264 -12.57 -3.11 32.59
C LYS A 264 -12.36 -4.46 31.90
N TYR A 265 -13.38 -4.91 31.18
CA TYR A 265 -13.34 -6.16 30.45
C TYR A 265 -12.28 -6.11 29.35
N LEU A 266 -12.39 -5.15 28.45
CA LEU A 266 -11.43 -5.04 27.36
C LEU A 266 -9.96 -4.88 27.80
N THR A 267 -9.70 -3.95 28.70
CA THR A 267 -8.31 -3.75 29.16
C THR A 267 -7.80 -4.94 29.97
N GLY A 268 -8.65 -5.49 30.83
CA GLY A 268 -8.24 -6.63 31.62
C GLY A 268 -7.86 -7.83 30.76
N CYS A 269 -8.64 -8.09 29.71
CA CYS A 269 -8.34 -9.22 28.85
C CYS A 269 -7.02 -9.00 28.12
N ALA A 270 -6.79 -7.77 27.66
CA ALA A 270 -5.57 -7.42 26.96
C ALA A 270 -4.31 -7.71 27.78
N GLU A 271 -4.39 -7.43 29.08
CA GLU A 271 -3.26 -7.66 29.97
C GLU A 271 -3.04 -9.15 30.24
N PHE A 273 -3.64 -11.49 28.16
CA PHE A 273 -3.07 -12.08 26.95
C PHE A 273 -1.62 -11.68 26.91
N ARG A 274 -1.35 -10.44 27.32
CA ARG A 274 0.00 -9.89 27.33
C ARG A 274 0.96 -10.70 28.19
N ILE A 275 0.49 -11.20 29.33
CA ILE A 275 1.35 -12.01 30.19
C ILE A 275 1.24 -13.49 29.82
N GLY A 276 0.34 -13.78 28.88
CA GLY A 276 0.17 -15.15 28.40
C GLY A 276 -0.58 -16.16 29.25
N TYR A 277 -1.47 -15.72 30.13
CA TYR A 277 -2.23 -16.65 30.95
C TYR A 277 -3.44 -17.18 30.18
N ILE A 278 -3.81 -16.46 29.12
CA ILE A 278 -4.90 -16.88 28.25
C ILE A 278 -4.35 -16.82 26.84
N ASP A 279 -4.86 -17.68 26.00
CA ASP A 279 -4.37 -17.81 24.64
C ASP A 279 -5.56 -17.90 23.70
N VAL A 280 -5.29 -18.04 22.41
CA VAL A 280 -6.33 -18.19 21.41
C VAL A 280 -5.70 -19.01 20.30
N ASN A 281 -6.36 -20.10 19.94
CA ASN A 281 -5.82 -21.00 18.92
C ASN A 281 -6.81 -21.41 17.85
N GLN A 282 -6.30 -21.71 16.67
CA GLN A 282 -7.13 -22.19 15.59
C GLN A 282 -6.75 -23.67 15.45
N PHE A 283 -7.73 -24.55 15.59
CA PHE A 283 -7.51 -25.98 15.49
C PHE A 283 -8.08 -26.47 14.17
N THR A 284 -7.23 -27.00 13.30
CA THR A 284 -7.70 -27.53 12.02
C THR A 284 -8.10 -28.96 12.34
N CYS A 285 -9.41 -29.22 12.29
CA CYS A 285 -9.96 -30.54 12.62
C CYS A 285 -10.35 -31.33 11.38
N GLN A 286 -9.58 -32.37 11.08
CA GLN A 286 -9.79 -33.23 9.92
C GLN A 286 -10.68 -34.44 10.24
N LYS A 287 -11.73 -34.64 9.44
CA LYS A 287 -12.62 -35.76 9.67
C LYS A 287 -12.02 -37.06 9.13
N GLU B 4 -17.46 -27.28 -9.97
CA GLU B 4 -18.28 -28.23 -10.76
C GLU B 4 -17.69 -28.44 -12.16
N LEU B 5 -16.83 -27.51 -12.56
CA LEU B 5 -16.20 -27.61 -13.88
C LEU B 5 -14.94 -28.46 -13.84
N LYS B 6 -15.00 -29.62 -14.49
CA LYS B 6 -13.86 -30.52 -14.54
C LYS B 6 -12.93 -30.13 -15.68
N PRO B 7 -11.67 -29.79 -15.36
CA PRO B 7 -10.68 -29.40 -16.37
C PRO B 7 -10.56 -30.42 -17.49
N HIS B 8 -10.25 -29.95 -18.71
CA HIS B 8 -10.08 -30.85 -19.85
C HIS B 8 -8.65 -31.37 -19.85
N PHE B 9 -8.34 -32.25 -18.90
CA PHE B 9 -6.99 -32.82 -18.81
C PHE B 9 -6.58 -33.57 -20.07
N ALA B 10 -7.45 -34.46 -20.54
CA ALA B 10 -7.14 -35.26 -21.73
C ALA B 10 -6.69 -34.43 -22.93
N ASN B 11 -7.54 -33.50 -23.35
CA ASN B 11 -7.25 -32.65 -24.50
C ASN B 11 -5.93 -31.88 -24.38
N VAL B 12 -5.70 -31.26 -23.23
CA VAL B 12 -4.49 -30.48 -23.04
C VAL B 12 -3.24 -31.35 -22.93
N GLN B 13 -3.32 -32.43 -22.16
CA GLN B 13 -2.16 -33.31 -22.00
C GLN B 13 -1.83 -33.99 -23.33
N ALA B 14 -2.85 -34.16 -24.16
CA ALA B 14 -2.64 -34.79 -25.47
C ALA B 14 -1.54 -34.07 -26.23
N HIS B 15 -1.41 -32.77 -26.01
CA HIS B 15 -0.38 -31.99 -26.69
C HIS B 15 0.89 -31.78 -25.87
N TYR B 16 0.75 -31.07 -24.75
CA TYR B 16 1.91 -30.74 -23.92
C TYR B 16 2.66 -31.89 -23.23
N ASP B 17 2.01 -33.03 -23.04
CA ASP B 17 2.71 -34.16 -22.40
C ASP B 17 3.31 -35.12 -23.42
N LEU B 18 3.42 -34.64 -24.67
CA LEU B 18 3.98 -35.45 -25.74
C LEU B 18 5.38 -35.90 -25.35
N SER B 19 6.21 -34.97 -24.87
CA SER B 19 7.59 -35.22 -24.47
C SER B 19 8.36 -33.89 -24.37
N ASP B 20 8.97 -33.62 -23.22
CA ASP B 20 9.72 -32.38 -23.06
C ASP B 20 10.91 -32.31 -24.01
N ASP B 21 11.55 -33.44 -24.25
CA ASP B 21 12.70 -33.47 -25.15
C ASP B 21 12.29 -33.16 -26.59
N PHE B 22 11.04 -33.47 -26.93
CA PHE B 22 10.55 -33.18 -28.27
C PHE B 22 10.34 -31.68 -28.42
N PHE B 23 9.65 -31.07 -27.46
CA PHE B 23 9.41 -29.64 -27.52
C PHE B 23 10.71 -28.88 -27.44
N ARG B 24 11.65 -29.43 -26.67
CA ARG B 24 12.95 -28.82 -26.51
C ARG B 24 13.65 -28.67 -27.86
N LEU B 25 13.24 -29.48 -28.83
CA LEU B 25 13.83 -29.45 -30.15
C LEU B 25 13.55 -28.17 -30.92
N PHE B 26 12.46 -27.47 -30.59
CA PHE B 26 12.16 -26.24 -31.32
C PHE B 26 11.88 -24.98 -30.50
N LEU B 27 11.57 -25.14 -29.21
CA LEU B 27 11.31 -23.98 -28.37
C LEU B 27 12.63 -23.38 -27.90
N ASP B 28 12.63 -22.11 -27.55
CA ASP B 28 13.84 -21.47 -27.04
C ASP B 28 14.18 -22.06 -25.67
N PRO B 29 15.40 -21.85 -25.17
CA PRO B 29 15.84 -22.36 -23.88
C PRO B 29 14.87 -22.23 -22.70
N THR B 30 14.17 -21.11 -22.60
CA THR B 30 13.23 -20.92 -21.50
C THR B 30 11.99 -21.79 -21.65
N GLN B 31 11.84 -22.42 -22.81
CA GLN B 31 10.70 -23.27 -23.10
C GLN B 31 9.39 -22.50 -23.16
N THR B 32 9.47 -21.22 -23.52
CA THR B 32 8.26 -20.42 -23.64
C THR B 32 7.57 -20.87 -24.94
N TYR B 33 6.28 -21.17 -24.82
CA TYR B 33 5.49 -21.66 -25.93
C TYR B 33 4.34 -20.70 -26.23
N SER B 34 4.72 -19.50 -26.66
CA SER B 34 3.76 -18.45 -26.99
C SER B 34 4.49 -17.37 -27.79
N CYS B 35 3.72 -16.51 -28.45
CA CYS B 35 4.28 -15.46 -29.29
C CYS B 35 5.35 -14.59 -28.63
N ALA B 36 6.53 -14.56 -29.23
CA ALA B 36 7.63 -13.75 -28.73
C ALA B 36 7.39 -12.30 -29.13
N TYR B 37 8.18 -11.39 -28.56
CA TYR B 37 8.05 -9.97 -28.85
C TYR B 37 9.42 -9.40 -29.21
N PHE B 38 9.60 -9.09 -30.48
CA PHE B 38 10.87 -8.53 -30.93
C PHE B 38 10.85 -7.00 -30.86
N GLU B 39 10.78 -6.46 -29.65
CA GLU B 39 10.74 -5.01 -29.51
C GLU B 39 12.02 -4.40 -30.06
N ARG B 40 13.04 -5.24 -30.20
CA ARG B 40 14.32 -4.81 -30.76
C ARG B 40 14.57 -5.73 -31.95
N ASP B 41 14.62 -5.12 -33.15
CA ASP B 41 14.83 -5.84 -34.39
C ASP B 41 15.75 -7.05 -34.41
N ASP B 42 16.96 -6.91 -33.88
CA ASP B 42 17.93 -8.00 -33.90
C ASP B 42 17.96 -8.92 -32.67
N THR B 44 17.34 -12.18 -30.31
CA THR B 44 17.34 -13.63 -30.53
C THR B 44 15.96 -14.08 -30.06
N LEU B 45 15.56 -15.30 -30.40
CA LEU B 45 14.25 -15.79 -29.96
C LEU B 45 14.14 -15.70 -28.45
N GLN B 46 15.21 -16.08 -27.76
CA GLN B 46 15.21 -16.05 -26.31
C GLN B 46 14.95 -14.65 -25.75
N GLU B 47 15.70 -13.67 -26.25
CA GLU B 47 15.54 -12.29 -25.78
C GLU B 47 14.13 -11.81 -26.07
N ALA B 48 13.61 -12.17 -27.24
CA ALA B 48 12.26 -11.76 -27.62
C ALA B 48 11.22 -12.40 -26.71
N GLN B 49 11.47 -13.63 -26.30
CA GLN B 49 10.54 -14.36 -25.45
C GLN B 49 10.52 -13.70 -24.06
N ILE B 50 11.69 -13.30 -23.58
CA ILE B 50 11.78 -12.63 -22.29
C ILE B 50 11.13 -11.26 -22.46
N ALA B 51 11.30 -10.66 -23.63
CA ALA B 51 10.73 -9.34 -23.89
C ALA B 51 9.21 -9.41 -23.80
N LYS B 52 8.62 -10.49 -24.32
CA LYS B 52 7.18 -10.67 -24.27
C LYS B 52 6.70 -10.90 -22.83
N ILE B 53 7.48 -11.65 -22.06
CA ILE B 53 7.14 -11.92 -20.67
C ILE B 53 7.17 -10.61 -19.89
N ASP B 54 8.20 -9.80 -20.13
CA ASP B 54 8.34 -8.51 -19.46
C ASP B 54 7.22 -7.56 -19.87
N LEU B 55 6.80 -7.63 -21.13
CA LEU B 55 5.74 -6.75 -21.63
C LEU B 55 4.45 -7.04 -20.88
N ALA B 56 4.16 -8.32 -20.67
CA ALA B 56 2.95 -8.73 -19.95
C ALA B 56 3.01 -8.39 -18.46
N LEU B 57 4.12 -8.71 -17.81
CA LEU B 57 4.26 -8.46 -16.38
C LEU B 57 4.25 -6.97 -16.04
N GLY B 58 4.94 -6.18 -16.85
CA GLY B 58 5.04 -4.76 -16.63
C GLY B 58 3.72 -4.00 -16.62
N LYS B 59 2.65 -4.65 -17.04
CA LYS B 59 1.34 -3.99 -17.06
C LYS B 59 0.53 -4.33 -15.81
N LEU B 60 1.06 -5.21 -14.96
CA LEU B 60 0.33 -5.64 -13.77
C LEU B 60 0.54 -4.81 -12.51
N GLY B 61 1.50 -3.90 -12.53
CA GLY B 61 1.76 -3.09 -11.35
C GLY B 61 2.16 -3.97 -10.17
N LEU B 62 3.03 -4.94 -10.43
CA LEU B 62 3.50 -5.85 -9.41
C LEU B 62 4.36 -5.16 -8.36
N GLN B 63 4.09 -5.47 -7.10
CA GLN B 63 4.83 -4.91 -5.99
C GLN B 63 5.41 -6.09 -5.19
N PRO B 64 6.58 -5.90 -4.57
CA PRO B 64 7.19 -6.99 -3.80
C PRO B 64 6.22 -7.56 -2.77
N GLY B 65 6.17 -8.89 -2.66
CA GLY B 65 5.29 -9.50 -1.69
C GLY B 65 3.95 -9.97 -2.18
N THR B 67 1.12 -11.86 -4.70
CA THR B 67 1.04 -13.23 -5.21
C THR B 67 0.54 -13.13 -6.64
N LEU B 68 1.37 -13.58 -7.57
CA LEU B 68 1.02 -13.56 -8.98
C LEU B 68 0.55 -14.96 -9.38
N LEU B 69 -0.65 -15.04 -9.93
CA LEU B 69 -1.18 -16.31 -10.38
C LEU B 69 -0.97 -16.43 -11.88
N ASP B 70 -0.33 -17.51 -12.31
CA ASP B 70 -0.10 -17.72 -13.73
C ASP B 70 -1.00 -18.89 -14.17
N VAL B 71 -2.08 -18.56 -14.86
CA VAL B 71 -3.00 -19.58 -15.34
C VAL B 71 -2.47 -20.21 -16.63
N GLY B 72 -2.02 -21.45 -16.54
CA GLY B 72 -1.46 -22.13 -17.70
C GLY B 72 -0.01 -21.72 -17.85
N CYS B 73 0.76 -21.98 -16.81
CA CYS B 73 2.18 -21.62 -16.70
C CYS B 73 3.19 -22.33 -17.61
N GLY B 74 2.74 -23.29 -18.41
CA GLY B 74 3.67 -23.98 -19.30
C GLY B 74 4.87 -24.51 -18.53
N TRP B 75 6.07 -24.27 -19.07
CA TRP B 75 7.28 -24.76 -18.40
C TRP B 75 7.91 -23.76 -17.42
N GLY B 76 7.07 -22.85 -16.92
CA GLY B 76 7.49 -21.90 -15.90
C GLY B 76 8.30 -20.65 -16.18
N ALA B 77 8.66 -20.39 -17.43
CA ALA B 77 9.48 -19.21 -17.75
C ALA B 77 8.94 -17.89 -17.19
N THR B 78 7.62 -17.73 -17.21
CA THR B 78 7.02 -16.51 -16.70
C THR B 78 7.13 -16.40 -15.20
N ARG B 81 10.69 -15.59 -14.15
CA ARG B 81 11.05 -14.22 -14.51
C ARG B 81 10.35 -13.22 -13.57
N ALA B 82 9.12 -13.55 -13.19
CA ALA B 82 8.34 -12.70 -12.30
C ALA B 82 9.00 -12.54 -10.94
N VAL B 83 9.38 -13.67 -10.33
CA VAL B 83 10.00 -13.60 -9.01
C VAL B 83 11.35 -12.90 -9.05
N GLU B 84 12.06 -13.08 -10.17
CA GLU B 84 13.37 -12.47 -10.36
C GLU B 84 13.29 -10.97 -10.60
N LYS B 85 12.41 -10.57 -11.50
CA LYS B 85 12.26 -9.17 -11.87
C LYS B 85 11.41 -8.34 -10.92
N TYR B 86 10.39 -8.93 -10.31
CA TYR B 86 9.52 -8.19 -9.41
C TYR B 86 9.52 -8.64 -7.95
N ASP B 87 10.30 -9.66 -7.63
CA ASP B 87 10.38 -10.15 -6.25
C ASP B 87 8.97 -10.41 -5.70
N VAL B 88 8.18 -11.17 -6.47
CA VAL B 88 6.82 -11.49 -6.08
C VAL B 88 6.69 -12.99 -5.84
N ASN B 89 5.67 -13.39 -5.09
CA ASN B 89 5.42 -14.81 -4.84
C ASN B 89 4.68 -15.27 -6.08
N VAL B 90 4.72 -16.56 -6.38
CA VAL B 90 4.04 -17.06 -7.57
C VAL B 90 3.31 -18.39 -7.41
N VAL B 91 2.21 -18.52 -8.15
CA VAL B 91 1.41 -19.73 -8.15
C VAL B 91 1.13 -20.04 -9.62
N GLY B 92 1.51 -21.24 -10.05
CA GLY B 92 1.28 -21.62 -11.43
C GLY B 92 0.32 -22.78 -11.55
N LEU B 93 -0.55 -22.71 -12.56
CA LEU B 93 -1.53 -23.76 -12.83
C LEU B 93 -1.30 -24.32 -14.23
N THR B 94 -1.34 -25.64 -14.35
CA THR B 94 -1.17 -26.31 -15.63
C THR B 94 -1.87 -27.66 -15.60
N LEU B 95 -2.38 -28.10 -16.74
CA LEU B 95 -3.05 -29.38 -16.81
C LEU B 95 -2.08 -30.46 -17.31
N SER B 96 -0.85 -30.06 -17.60
CA SER B 96 0.15 -30.99 -18.11
C SER B 96 1.05 -31.55 -17.02
N LYS B 97 1.15 -32.88 -16.94
CA LYS B 97 1.99 -33.52 -15.94
C LYS B 97 3.48 -33.22 -16.16
N ASN B 98 3.92 -33.29 -17.42
CA ASN B 98 5.32 -33.03 -17.73
C ASN B 98 5.69 -31.60 -17.35
N GLN B 99 4.77 -30.66 -17.59
CA GLN B 99 5.06 -29.27 -17.23
C GLN B 99 5.10 -29.13 -15.71
N ALA B 100 4.09 -29.67 -15.04
CA ALA B 100 4.02 -29.59 -13.58
C ALA B 100 5.30 -30.16 -12.97
N ASN B 101 5.77 -31.29 -13.50
CA ASN B 101 6.98 -31.93 -12.99
C ASN B 101 8.22 -31.08 -13.26
N HIS B 102 8.29 -30.52 -14.47
CA HIS B 102 9.43 -29.68 -14.82
C HIS B 102 9.49 -28.45 -13.93
N VAL B 103 8.37 -27.75 -13.79
CA VAL B 103 8.30 -26.55 -12.97
C VAL B 103 8.57 -26.84 -11.51
N GLN B 104 8.16 -28.03 -11.06
CA GLN B 104 8.39 -28.40 -9.67
C GLN B 104 9.89 -28.46 -9.41
N GLN B 105 10.66 -28.87 -10.41
CA GLN B 105 12.11 -28.93 -10.25
C GLN B 105 12.74 -27.54 -10.24
N LEU B 106 12.21 -26.64 -11.07
CA LEU B 106 12.71 -25.27 -11.10
C LEU B 106 12.47 -24.65 -9.71
N VAL B 107 11.33 -24.98 -9.13
CA VAL B 107 10.99 -24.47 -7.81
C VAL B 107 11.98 -25.02 -6.79
N ALA B 108 12.15 -26.33 -6.78
CA ALA B 108 13.04 -27.00 -5.85
C ALA B 108 14.50 -26.53 -5.91
N ASN B 109 14.97 -26.17 -7.10
CA ASN B 109 16.36 -25.74 -7.27
C ASN B 109 16.54 -24.23 -7.36
N SER B 110 15.46 -23.49 -7.13
CA SER B 110 15.51 -22.04 -7.18
C SER B 110 16.42 -21.45 -6.12
N GLU B 111 17.10 -20.36 -6.48
CA GLU B 111 17.98 -19.66 -5.56
C GLU B 111 17.26 -18.40 -5.09
N ASN B 112 16.10 -18.14 -5.68
CA ASN B 112 15.29 -16.98 -5.32
C ASN B 112 14.55 -17.30 -4.01
N LEU B 113 14.38 -16.29 -3.17
CA LEU B 113 13.72 -16.47 -1.86
C LEU B 113 12.20 -16.52 -1.83
N ARG B 114 11.52 -15.94 -2.82
CA ARG B 114 10.06 -15.93 -2.80
C ARG B 114 9.38 -17.29 -2.88
N SER B 115 8.13 -17.32 -2.42
CA SER B 115 7.31 -18.53 -2.43
C SER B 115 6.92 -18.83 -3.87
N LYS B 116 7.01 -20.10 -4.26
CA LYS B 116 6.66 -20.51 -5.61
C LYS B 116 5.90 -21.83 -5.57
N ARG B 117 4.79 -21.89 -6.30
CA ARG B 117 3.98 -23.10 -6.33
C ARG B 117 3.43 -23.42 -7.71
N VAL B 118 3.40 -24.72 -8.02
CA VAL B 118 2.86 -25.19 -9.28
C VAL B 118 1.91 -26.33 -8.93
N LEU B 119 0.71 -26.29 -9.49
CA LEU B 119 -0.31 -27.30 -9.22
C LEU B 119 -0.81 -27.91 -10.52
N LEU B 120 -0.92 -29.23 -10.52
CA LEU B 120 -1.45 -29.93 -11.68
C LEU B 120 -2.95 -29.76 -11.51
N ALA B 121 -3.47 -28.61 -11.95
CA ALA B 121 -4.88 -28.30 -11.84
C ALA B 121 -5.29 -27.18 -12.77
N GLY B 122 -6.58 -27.07 -13.02
CA GLY B 122 -7.07 -26.02 -13.89
C GLY B 122 -7.49 -24.85 -13.04
N TRP B 123 -7.76 -23.71 -13.67
CA TRP B 123 -8.21 -22.54 -12.93
C TRP B 123 -9.58 -22.86 -12.33
N GLU B 124 -10.27 -23.84 -12.92
CA GLU B 124 -11.60 -24.26 -12.44
C GLU B 124 -11.55 -24.82 -11.01
N GLN B 125 -10.37 -25.28 -10.58
CA GLN B 125 -10.21 -25.89 -9.27
C GLN B 125 -9.39 -25.04 -8.29
N PHE B 126 -9.10 -23.80 -8.67
CA PHE B 126 -8.30 -22.92 -7.82
C PHE B 126 -9.18 -21.90 -7.11
N ASP B 127 -9.22 -21.97 -5.79
CA ASP B 127 -10.05 -21.05 -5.02
C ASP B 127 -9.29 -20.30 -3.94
N GLU B 128 -8.28 -19.54 -4.35
CA GLU B 128 -7.46 -18.76 -3.42
C GLU B 128 -7.33 -17.31 -3.84
N PRO B 129 -7.26 -16.41 -2.85
CA PRO B 129 -7.12 -14.99 -3.18
C PRO B 129 -5.71 -14.78 -3.75
N VAL B 130 -5.59 -13.93 -4.76
CA VAL B 130 -4.32 -13.61 -5.37
C VAL B 130 -4.31 -12.11 -5.61
N ASP B 131 -3.14 -11.54 -5.91
CA ASP B 131 -3.06 -10.10 -6.14
C ASP B 131 -3.18 -9.67 -7.60
N ARG B 132 -2.54 -10.42 -8.50
CA ARG B 132 -2.57 -10.13 -9.92
C ARG B 132 -2.61 -11.44 -10.69
N ILE B 133 -3.05 -11.38 -11.94
CA ILE B 133 -3.14 -12.58 -12.76
C ILE B 133 -2.57 -12.41 -14.16
N VAL B 134 -1.83 -13.42 -14.61
CA VAL B 134 -1.26 -13.41 -15.95
C VAL B 134 -1.63 -14.74 -16.57
N SER B 135 -1.96 -14.71 -17.87
CA SER B 135 -2.33 -15.91 -18.61
C SER B 135 -1.97 -15.70 -20.07
N ILE B 136 -0.98 -16.45 -20.53
CA ILE B 136 -0.47 -16.36 -21.89
C ILE B 136 -0.66 -17.67 -22.69
N GLY B 137 -1.52 -17.63 -23.70
CA GLY B 137 -1.76 -18.79 -24.53
C GLY B 137 -2.52 -19.96 -23.92
N ALA B 138 -3.26 -19.71 -22.83
CA ALA B 138 -4.02 -20.77 -22.17
C ALA B 138 -5.51 -20.65 -22.51
N PHE B 139 -5.95 -19.41 -22.65
CA PHE B 139 -7.34 -19.10 -22.95
C PHE B 139 -7.89 -19.90 -24.15
N GLU B 140 -7.03 -20.11 -25.14
CA GLU B 140 -7.41 -20.84 -26.34
C GLU B 140 -7.88 -22.26 -26.06
N HIS B 141 -7.55 -22.78 -24.89
CA HIS B 141 -7.93 -24.12 -24.47
C HIS B 141 -9.22 -24.13 -23.63
N PHE B 142 -9.65 -22.97 -23.16
CA PHE B 142 -10.84 -22.89 -22.31
C PHE B 142 -12.14 -23.27 -23.03
N GLY B 143 -12.30 -22.79 -24.26
CA GLY B 143 -13.51 -23.10 -24.99
C GLY B 143 -14.61 -22.13 -24.61
N HIS B 144 -15.43 -21.73 -25.59
CA HIS B 144 -16.52 -20.80 -25.38
C HIS B 144 -17.38 -21.06 -24.14
N GLU B 145 -17.63 -22.32 -23.84
CA GLU B 145 -18.46 -22.69 -22.69
C GLU B 145 -17.88 -22.27 -21.34
N ARG B 146 -16.56 -22.12 -21.27
CA ARG B 146 -15.88 -21.76 -20.03
C ARG B 146 -15.43 -20.30 -19.94
N TYR B 147 -15.55 -19.56 -21.04
CA TYR B 147 -15.11 -18.15 -21.05
C TYR B 147 -15.69 -17.32 -19.90
N ASP B 148 -17.01 -17.27 -19.82
CA ASP B 148 -17.68 -16.49 -18.77
C ASP B 148 -17.25 -16.95 -17.38
N ALA B 149 -17.18 -18.26 -17.19
CA ALA B 149 -16.77 -18.83 -15.91
C ALA B 149 -15.36 -18.37 -15.54
N PHE B 150 -14.47 -18.34 -16.52
CA PHE B 150 -13.08 -17.93 -16.29
C PHE B 150 -12.99 -16.49 -15.81
N PHE B 151 -13.63 -15.57 -16.53
CA PHE B 151 -13.61 -14.17 -16.15
C PHE B 151 -14.25 -13.90 -14.80
N SER B 152 -15.35 -14.57 -14.51
CA SER B 152 -16.02 -14.39 -13.22
C SER B 152 -15.08 -14.79 -12.11
N LEU B 153 -14.46 -15.94 -12.27
CA LEU B 153 -13.52 -16.46 -11.27
C LEU B 153 -12.30 -15.56 -11.15
N ALA B 154 -11.74 -15.15 -12.28
CA ALA B 154 -10.57 -14.28 -12.28
C ALA B 154 -10.86 -12.97 -11.57
N HIS B 155 -12.04 -12.42 -11.84
CA HIS B 155 -12.45 -11.15 -11.24
C HIS B 155 -12.64 -11.28 -9.73
N ARG B 156 -13.13 -12.43 -9.29
CA ARG B 156 -13.38 -12.68 -7.87
C ARG B 156 -12.12 -12.84 -7.02
N LEU B 157 -11.21 -13.70 -7.46
CA LEU B 157 -9.97 -13.93 -6.71
C LEU B 157 -9.07 -12.72 -6.64
N LEU B 158 -9.26 -11.79 -7.58
CA LEU B 158 -8.47 -10.57 -7.66
C LEU B 158 -8.85 -9.56 -6.56
N PRO B 159 -7.89 -8.69 -6.17
CA PRO B 159 -8.14 -7.68 -5.13
C PRO B 159 -8.95 -6.54 -5.73
N ALA B 160 -9.30 -5.57 -4.90
CA ALA B 160 -10.07 -4.43 -5.37
C ALA B 160 -9.36 -3.72 -6.53
N ASP B 161 -8.06 -3.52 -6.40
CA ASP B 161 -7.27 -2.85 -7.44
C ASP B 161 -6.62 -3.87 -8.36
N GLY B 162 -7.15 -5.10 -8.35
CA GLY B 162 -6.60 -6.16 -9.17
C GLY B 162 -6.46 -5.87 -10.65
N VAL B 163 -5.58 -6.65 -11.28
CA VAL B 163 -5.34 -6.52 -12.70
C VAL B 163 -4.95 -7.89 -13.26
N LEU B 165 -3.60 -9.72 -16.90
CA LEU B 165 -3.10 -9.51 -18.26
C LEU B 165 -3.40 -10.79 -19.03
N LEU B 166 -4.44 -10.76 -19.86
CA LEU B 166 -4.82 -11.92 -20.66
C LEU B 166 -4.19 -11.78 -22.04
N HIS B 167 -3.36 -12.75 -22.40
CA HIS B 167 -2.68 -12.76 -23.68
C HIS B 167 -3.15 -14.01 -24.40
N THR B 168 -3.76 -13.82 -25.57
CA THR B 168 -4.28 -14.95 -26.32
C THR B 168 -4.37 -14.67 -27.81
N ILE B 169 -4.36 -15.74 -28.59
CA ILE B 169 -4.49 -15.64 -30.02
C ILE B 169 -5.97 -15.31 -30.24
N THR B 170 -6.28 -14.54 -31.29
CA THR B 170 -7.66 -14.20 -31.59
C THR B 170 -7.89 -14.33 -33.10
N GLY B 171 -9.14 -14.53 -33.50
CA GLY B 171 -9.45 -14.68 -34.91
C GLY B 171 -10.44 -13.67 -35.48
N LEU B 172 -10.78 -13.84 -36.74
CA LEU B 172 -11.71 -12.94 -37.42
C LEU B 172 -13.02 -13.61 -37.82
N HIS B 173 -14.08 -12.81 -37.91
CA HIS B 173 -15.41 -13.31 -38.29
C HIS B 173 -15.38 -13.80 -39.74
N PRO B 174 -16.45 -14.49 -40.17
CA PRO B 174 -16.51 -15.01 -41.54
C PRO B 174 -16.26 -13.91 -42.57
N LYS B 175 -16.93 -12.78 -42.39
CA LYS B 175 -16.78 -11.64 -43.29
C LYS B 175 -15.33 -11.22 -43.47
N GLU B 176 -14.71 -10.74 -42.40
CA GLU B 176 -13.31 -10.31 -42.45
C GLU B 176 -12.43 -11.34 -43.15
N ILE B 177 -12.75 -12.61 -42.96
CA ILE B 177 -11.99 -13.71 -43.57
C ILE B 177 -12.15 -13.72 -45.09
N HIS B 178 -13.29 -13.22 -45.57
CA HIS B 178 -13.57 -13.18 -47.00
C HIS B 178 -13.15 -11.85 -47.62
N GLU B 179 -13.75 -10.76 -47.13
CA GLU B 179 -13.46 -9.42 -47.63
C GLU B 179 -12.09 -8.90 -47.21
N ARG B 180 -11.18 -9.81 -46.87
CA ARG B 180 -9.85 -9.41 -46.45
C ARG B 180 -9.00 -8.99 -47.66
N GLY B 181 -8.88 -9.89 -48.62
CA GLY B 181 -8.09 -9.59 -49.81
C GLY B 181 -7.41 -10.80 -50.40
N LEU B 182 -7.12 -11.79 -49.57
CA LEU B 182 -6.47 -13.00 -50.04
C LEU B 182 -7.42 -14.19 -50.01
N PRO B 183 -7.58 -14.87 -51.14
CA PRO B 183 -8.49 -16.03 -51.20
C PRO B 183 -7.85 -17.22 -50.49
N SER B 185 -9.74 -18.34 -47.31
CA SER B 185 -10.75 -18.73 -46.33
C SER B 185 -10.99 -20.24 -46.32
N PHE B 186 -10.90 -20.86 -47.48
CA PHE B 186 -11.11 -22.30 -47.62
C PHE B 186 -9.93 -23.06 -47.01
N THR B 187 -8.71 -22.62 -47.35
CA THR B 187 -7.50 -23.25 -46.83
C THR B 187 -7.45 -23.01 -45.32
N PHE B 188 -8.01 -21.89 -44.90
CA PHE B 188 -8.03 -21.53 -43.49
C PHE B 188 -8.95 -22.49 -42.74
N ALA B 189 -10.19 -22.61 -43.21
CA ALA B 189 -11.16 -23.51 -42.59
C ALA B 189 -10.59 -24.91 -42.48
N ARG B 190 -9.92 -25.37 -43.53
CA ARG B 190 -9.34 -26.71 -43.51
C ARG B 190 -8.21 -26.74 -42.50
N PHE B 191 -7.40 -25.68 -42.46
CA PHE B 191 -6.29 -25.64 -41.53
C PHE B 191 -6.77 -25.63 -40.07
N LEU B 192 -7.83 -24.89 -39.78
CA LEU B 192 -8.39 -24.85 -38.43
C LEU B 192 -8.81 -26.25 -38.00
N LYS B 193 -9.44 -26.97 -38.92
CA LYS B 193 -9.90 -28.34 -38.67
C LYS B 193 -8.69 -29.18 -38.28
N PHE B 194 -7.61 -29.01 -39.04
CA PHE B 194 -6.37 -29.74 -38.79
C PHE B 194 -5.83 -29.46 -37.40
N ILE B 195 -5.68 -28.18 -37.06
CA ILE B 195 -5.15 -27.77 -35.77
C ILE B 195 -5.99 -28.28 -34.60
N VAL B 196 -7.30 -28.14 -34.70
CA VAL B 196 -8.21 -28.56 -33.64
C VAL B 196 -8.35 -30.07 -33.48
N THR B 197 -8.05 -30.83 -34.52
CA THR B 197 -8.18 -32.28 -34.43
C THR B 197 -6.86 -33.01 -34.18
N GLU B 198 -5.77 -32.52 -34.77
CA GLU B 198 -4.49 -33.18 -34.61
C GLU B 198 -3.47 -32.48 -33.73
N ILE B 199 -3.64 -31.19 -33.50
CA ILE B 199 -2.67 -30.45 -32.69
C ILE B 199 -3.24 -30.10 -31.32
N PHE B 200 -4.30 -29.30 -31.30
CA PHE B 200 -4.91 -28.88 -30.05
C PHE B 200 -6.37 -29.32 -29.92
N PRO B 201 -6.61 -30.59 -29.54
CA PRO B 201 -7.99 -31.08 -29.40
C PRO B 201 -8.80 -30.19 -28.44
N GLY B 202 -9.96 -29.74 -28.91
CA GLY B 202 -10.81 -28.91 -28.08
C GLY B 202 -10.49 -27.44 -28.14
N GLY B 203 -9.43 -27.09 -28.87
CA GLY B 203 -9.04 -25.70 -28.98
C GLY B 203 -10.10 -24.85 -29.66
N ARG B 204 -10.21 -23.60 -29.21
CA ARG B 204 -11.19 -22.65 -29.74
C ARG B 204 -10.53 -21.29 -29.95
N LEU B 205 -10.83 -20.66 -31.08
CA LEU B 205 -10.27 -19.35 -31.41
C LEU B 205 -11.26 -18.25 -30.99
N PRO B 206 -10.83 -17.34 -30.11
CA PRO B 206 -11.70 -16.25 -29.64
C PRO B 206 -11.58 -15.01 -30.53
N SER B 207 -12.61 -14.17 -30.51
CA SER B 207 -12.59 -12.94 -31.30
C SER B 207 -12.30 -11.80 -30.31
N ILE B 208 -11.72 -10.71 -30.80
CA ILE B 208 -11.42 -9.59 -29.92
C ILE B 208 -12.69 -9.05 -29.27
N PRO B 209 -13.77 -8.91 -30.05
CA PRO B 209 -15.01 -8.41 -29.46
C PRO B 209 -15.56 -9.35 -28.39
N VAL B 211 -13.85 -11.45 -26.43
CA VAL B 211 -13.04 -11.32 -25.24
C VAL B 211 -13.44 -10.09 -24.45
N GLN B 212 -13.57 -8.96 -25.16
CA GLN B 212 -13.94 -7.71 -24.52
C GLN B 212 -15.31 -7.77 -23.86
N GLU B 213 -16.23 -8.51 -24.46
CA GLU B 213 -17.58 -8.62 -23.91
C GLU B 213 -17.65 -9.54 -22.70
N CYS B 214 -16.91 -10.65 -22.74
CA CYS B 214 -16.91 -11.57 -21.61
C CYS B 214 -16.26 -10.91 -20.40
N ALA B 215 -15.24 -10.10 -20.67
CA ALA B 215 -14.52 -9.40 -19.62
C ALA B 215 -15.41 -8.32 -19.00
N SER B 216 -16.00 -7.51 -19.86
CA SER B 216 -16.86 -6.42 -19.45
C SER B 216 -18.13 -6.90 -18.73
N ALA B 217 -18.57 -8.12 -19.04
CA ALA B 217 -19.76 -8.68 -18.42
C ALA B 217 -19.44 -9.32 -17.07
N ASN B 218 -18.19 -9.17 -16.64
CA ASN B 218 -17.76 -9.75 -15.38
C ASN B 218 -17.06 -8.76 -14.46
N GLY B 219 -17.33 -7.47 -14.67
CA GLY B 219 -16.74 -6.45 -13.84
C GLY B 219 -15.38 -5.95 -14.26
N PHE B 220 -14.85 -6.51 -15.35
CA PHE B 220 -13.55 -6.11 -15.87
C PHE B 220 -13.66 -4.93 -16.82
N THR B 221 -12.63 -4.09 -16.82
CA THR B 221 -12.56 -2.96 -17.72
C THR B 221 -11.28 -3.14 -18.53
N VAL B 222 -11.42 -3.49 -19.80
CA VAL B 222 -10.26 -3.68 -20.66
C VAL B 222 -9.71 -2.31 -20.97
N THR B 223 -8.60 -1.97 -20.34
CA THR B 223 -8.00 -0.65 -20.53
C THR B 223 -7.05 -0.56 -21.71
N ARG B 224 -6.70 -1.69 -22.30
CA ARG B 224 -5.82 -1.71 -23.46
C ARG B 224 -5.80 -3.06 -24.16
N VAL B 225 -5.59 -3.02 -25.47
CA VAL B 225 -5.50 -4.23 -26.29
C VAL B 225 -4.32 -4.03 -27.24
N GLN B 226 -3.26 -4.81 -27.03
CA GLN B 226 -2.07 -4.69 -27.87
C GLN B 226 -1.85 -5.92 -28.73
N SER B 227 -1.77 -5.72 -30.04
CA SER B 227 -1.54 -6.82 -30.98
C SER B 227 -0.05 -7.04 -31.20
N LEU B 228 0.33 -8.31 -31.38
CA LEU B 228 1.72 -8.69 -31.63
C LEU B 228 1.76 -9.53 -32.90
N GLN B 229 0.69 -9.44 -33.68
CA GLN B 229 0.51 -10.18 -34.93
C GLN B 229 1.78 -10.47 -35.76
N PRO B 230 2.52 -9.42 -36.18
CA PRO B 230 3.72 -9.65 -36.99
C PRO B 230 4.75 -10.56 -36.31
N HIS B 231 4.89 -10.38 -35.00
CA HIS B 231 5.85 -11.14 -34.20
C HIS B 231 5.63 -12.65 -34.19
N TYR B 232 4.37 -13.08 -34.30
CA TYR B 232 4.09 -14.50 -34.26
C TYR B 232 4.55 -15.21 -35.54
N ALA B 233 4.46 -14.54 -36.67
CA ALA B 233 4.90 -15.14 -37.92
C ALA B 233 6.39 -15.44 -37.76
N LYS B 234 7.11 -14.48 -37.18
CA LYS B 234 8.54 -14.60 -36.93
C LYS B 234 8.84 -15.71 -35.93
N THR B 235 8.07 -15.76 -34.85
CA THR B 235 8.25 -16.78 -33.81
C THR B 235 8.09 -18.17 -34.39
N LEU B 236 7.00 -18.39 -35.12
CA LEU B 236 6.72 -19.69 -35.72
C LEU B 236 7.80 -20.05 -36.74
N ASP B 237 8.26 -19.07 -37.51
CA ASP B 237 9.31 -19.33 -38.51
C ASP B 237 10.56 -19.84 -37.80
N LEU B 238 10.85 -19.27 -36.64
CA LEU B 238 12.01 -19.65 -35.85
C LEU B 238 11.84 -21.06 -35.30
N TRP B 239 10.65 -21.38 -34.81
CA TRP B 239 10.39 -22.70 -34.27
C TRP B 239 10.51 -23.76 -35.36
N SER B 240 9.83 -23.55 -36.48
CA SER B 240 9.88 -24.53 -37.56
C SER B 240 11.30 -24.77 -38.05
N ALA B 241 12.09 -23.70 -38.16
CA ALA B 241 13.47 -23.83 -38.61
C ALA B 241 14.24 -24.79 -37.71
N ALA B 242 14.14 -24.58 -36.40
CA ALA B 242 14.83 -25.41 -35.41
C ALA B 242 14.37 -26.86 -35.44
N LEU B 243 13.07 -27.08 -35.60
CA LEU B 243 12.53 -28.43 -35.64
C LEU B 243 13.05 -29.18 -36.87
N GLN B 244 13.00 -28.52 -38.01
CA GLN B 244 13.45 -29.12 -39.26
C GLN B 244 14.92 -29.50 -39.20
N ALA B 245 15.72 -28.64 -38.58
CA ALA B 245 17.15 -28.92 -38.43
C ALA B 245 17.34 -30.11 -37.50
N ASN B 246 16.35 -30.35 -36.64
CA ASN B 246 16.39 -31.44 -35.68
C ASN B 246 15.55 -32.64 -36.11
N LYS B 247 15.17 -32.68 -37.38
CA LYS B 247 14.35 -33.77 -37.91
C LYS B 247 14.73 -35.15 -37.39
N GLY B 248 16.01 -35.51 -37.52
CA GLY B 248 16.48 -36.81 -37.07
C GLY B 248 16.14 -37.11 -35.62
N GLN B 249 16.32 -36.13 -34.75
CA GLN B 249 16.02 -36.31 -33.34
C GLN B 249 14.53 -36.40 -33.10
N ALA B 250 13.77 -35.58 -33.82
CA ALA B 250 12.33 -35.57 -33.67
C ALA B 250 11.80 -36.97 -34.00
N ILE B 251 12.24 -37.49 -35.14
CA ILE B 251 11.82 -38.81 -35.58
C ILE B 251 12.27 -39.91 -34.62
N ALA B 252 13.48 -39.77 -34.10
CA ALA B 252 14.01 -40.75 -33.16
C ALA B 252 13.26 -40.67 -31.84
N LEU B 253 13.03 -39.46 -31.34
CA LEU B 253 12.31 -39.27 -30.08
C LEU B 253 10.84 -39.61 -30.23
N GLN B 254 10.31 -39.46 -31.43
CA GLN B 254 8.90 -39.75 -31.70
C GLN B 254 8.71 -40.62 -32.93
N SER B 255 8.39 -40.00 -34.06
CA SER B 255 8.18 -40.71 -35.31
C SER B 255 8.09 -39.72 -36.46
N GLU B 256 8.17 -40.24 -37.67
CA GLU B 256 8.08 -39.42 -38.87
C GLU B 256 6.70 -38.78 -38.89
N GLU B 257 5.72 -39.53 -38.41
CA GLU B 257 4.33 -39.09 -38.34
C GLU B 257 4.20 -37.83 -37.50
N VAL B 258 4.81 -37.83 -36.32
CA VAL B 258 4.78 -36.69 -35.41
C VAL B 258 5.56 -35.52 -36.00
N TYR B 259 6.75 -35.82 -36.49
CA TYR B 259 7.59 -34.79 -37.09
C TYR B 259 6.82 -34.03 -38.17
N GLU B 260 6.28 -34.77 -39.13
CA GLU B 260 5.52 -34.18 -40.23
C GLU B 260 4.37 -33.29 -39.75
N ARG B 261 3.58 -33.82 -38.84
CA ARG B 261 2.44 -33.10 -38.30
C ARG B 261 2.84 -31.76 -37.67
N TYR B 262 3.92 -31.77 -36.89
CA TYR B 262 4.36 -30.54 -36.24
C TYR B 262 4.93 -29.52 -37.21
N LYS B 264 3.89 -29.22 -40.32
CA LYS B 264 2.70 -28.74 -41.01
C LYS B 264 2.02 -27.70 -40.12
N TYR B 265 1.95 -28.00 -38.83
CA TYR B 265 1.34 -27.13 -37.83
C TYR B 265 2.13 -25.83 -37.68
N LEU B 266 3.43 -25.93 -37.44
CA LEU B 266 4.23 -24.72 -37.27
C LEU B 266 4.23 -23.82 -38.51
N THR B 267 4.59 -24.38 -39.67
CA THR B 267 4.64 -23.61 -40.91
C THR B 267 3.28 -23.07 -41.33
N GLY B 268 2.23 -23.88 -41.16
CA GLY B 268 0.90 -23.44 -41.51
C GLY B 268 0.46 -22.24 -40.69
N CYS B 269 0.71 -22.30 -39.38
CA CYS B 269 0.34 -21.21 -38.50
C CYS B 269 1.13 -19.95 -38.88
N ALA B 270 2.40 -20.14 -39.23
CA ALA B 270 3.25 -19.02 -39.60
C ALA B 270 2.63 -18.15 -40.71
N GLU B 271 2.13 -18.79 -41.77
CA GLU B 271 1.52 -18.04 -42.87
C GLU B 271 0.14 -17.47 -42.55
N PHE B 273 -0.70 -16.18 -39.82
CA PHE B 273 -0.44 -14.96 -39.08
C PHE B 273 0.14 -13.95 -40.07
N ARG B 274 1.02 -14.44 -40.93
CA ARG B 274 1.68 -13.60 -41.92
C ARG B 274 0.65 -12.95 -42.85
N ILE B 275 -0.44 -13.67 -43.10
CA ILE B 275 -1.53 -13.20 -43.96
C ILE B 275 -2.50 -12.28 -43.24
N GLY B 276 -2.53 -12.38 -41.92
CA GLY B 276 -3.43 -11.55 -41.13
C GLY B 276 -4.73 -12.24 -40.79
N TYR B 277 -4.84 -13.51 -41.13
CA TYR B 277 -6.06 -14.27 -40.85
C TYR B 277 -6.26 -14.48 -39.35
N ILE B 278 -5.17 -14.58 -38.61
CA ILE B 278 -5.24 -14.73 -37.16
C ILE B 278 -4.37 -13.66 -36.52
N ASP B 279 -4.65 -13.36 -35.26
CA ASP B 279 -3.93 -12.33 -34.53
C ASP B 279 -3.68 -12.85 -33.12
N VAL B 280 -2.90 -12.08 -32.36
CA VAL B 280 -2.59 -12.43 -30.98
C VAL B 280 -2.55 -11.09 -30.23
N ASN B 281 -3.28 -11.02 -29.13
CA ASN B 281 -3.38 -9.78 -28.36
C ASN B 281 -3.25 -9.93 -26.87
N GLN B 282 -2.78 -8.87 -26.22
CA GLN B 282 -2.66 -8.81 -24.76
C GLN B 282 -3.74 -7.85 -24.28
N PHE B 283 -4.68 -8.34 -23.48
CA PHE B 283 -5.76 -7.52 -22.96
C PHE B 283 -5.49 -7.17 -21.50
N THR B 284 -5.41 -5.88 -21.18
CA THR B 284 -5.19 -5.44 -19.81
C THR B 284 -6.57 -5.32 -19.18
N CYS B 285 -6.88 -6.22 -18.26
CA CYS B 285 -8.18 -6.28 -17.62
C CYS B 285 -8.15 -5.75 -16.19
N GLN B 286 -8.74 -4.58 -16.00
CA GLN B 286 -8.80 -3.88 -14.72
C GLN B 286 -10.06 -4.16 -13.91
N LYS B 287 -9.89 -4.39 -12.62
CA LYS B 287 -11.02 -4.63 -11.73
C LYS B 287 -11.23 -3.38 -10.88
N ASP C 3 -25.65 41.41 10.52
CA ASP C 3 -24.22 41.05 10.27
C ASP C 3 -23.74 41.69 8.98
N GLU C 4 -22.48 42.11 8.95
CA GLU C 4 -21.91 42.70 7.74
C GLU C 4 -21.59 41.55 6.78
N LEU C 5 -21.19 40.42 7.36
CA LEU C 5 -20.86 39.22 6.59
C LEU C 5 -21.69 38.07 7.12
N LYS C 6 -22.66 37.63 6.34
CA LYS C 6 -23.51 36.54 6.76
C LYS C 6 -22.83 35.21 6.49
N PRO C 7 -22.72 34.33 7.51
CA PRO C 7 -22.07 33.04 7.33
C PRO C 7 -22.85 32.19 6.33
N HIS C 8 -22.13 31.37 5.56
CA HIS C 8 -22.76 30.50 4.56
C HIS C 8 -23.23 29.22 5.24
N PHE C 9 -24.20 29.35 6.14
CA PHE C 9 -24.73 28.19 6.85
C PHE C 9 -25.20 27.06 5.94
N ALA C 10 -26.07 27.39 4.98
CA ALA C 10 -26.62 26.38 4.08
C ALA C 10 -25.56 25.51 3.39
N ASN C 11 -24.58 26.13 2.74
CA ASN C 11 -23.53 25.39 2.04
C ASN C 11 -22.73 24.49 2.97
N VAL C 12 -22.42 25.01 4.15
CA VAL C 12 -21.64 24.24 5.12
C VAL C 12 -22.51 23.12 5.69
N GLN C 13 -23.74 23.46 6.08
CA GLN C 13 -24.62 22.45 6.64
C GLN C 13 -24.96 21.37 5.63
N ALA C 14 -24.89 21.72 4.35
CA ALA C 14 -25.19 20.75 3.29
C ALA C 14 -24.31 19.51 3.47
N HIS C 15 -23.06 19.72 3.88
CA HIS C 15 -22.17 18.59 4.08
C HIS C 15 -22.21 18.03 5.50
N TYR C 16 -21.77 18.82 6.48
CA TYR C 16 -21.69 18.36 7.86
C TYR C 16 -22.96 17.98 8.62
N ASP C 17 -24.13 18.38 8.12
CA ASP C 17 -25.37 18.02 8.81
C ASP C 17 -26.07 16.85 8.17
N LEU C 18 -25.34 16.11 7.35
CA LEU C 18 -25.87 14.94 6.68
C LEU C 18 -26.43 13.96 7.71
N SER C 19 -25.60 13.67 8.72
CA SER C 19 -25.95 12.76 9.80
C SER C 19 -24.68 12.33 10.53
N ASP C 20 -24.62 12.54 11.84
CA ASP C 20 -23.44 12.13 12.60
C ASP C 20 -23.18 10.64 12.41
N ASP C 21 -24.23 9.84 12.53
CA ASP C 21 -24.10 8.40 12.39
C ASP C 21 -23.49 7.99 11.06
N PHE C 22 -23.70 8.81 10.04
CA PHE C 22 -23.12 8.50 8.73
C PHE C 22 -21.62 8.76 8.80
N PHE C 23 -21.24 9.97 9.22
CA PHE C 23 -19.82 10.30 9.34
C PHE C 23 -19.12 9.33 10.28
N ARG C 24 -19.84 8.83 11.29
CA ARG C 24 -19.24 7.87 12.21
C ARG C 24 -18.82 6.61 11.47
N LEU C 25 -19.31 6.44 10.24
CA LEU C 25 -18.98 5.26 9.45
C LEU C 25 -17.57 5.25 8.86
N PHE C 26 -16.89 6.38 8.83
CA PHE C 26 -15.54 6.37 8.28
C PHE C 26 -14.50 7.20 9.05
N LEU C 27 -14.96 8.08 9.93
CA LEU C 27 -14.02 8.89 10.70
C LEU C 27 -13.56 8.08 11.90
N ASP C 28 -12.45 8.47 12.51
CA ASP C 28 -11.98 7.76 13.68
C ASP C 28 -12.93 8.15 14.81
N PRO C 29 -12.86 7.46 15.96
CA PRO C 29 -13.72 7.74 17.11
C PRO C 29 -13.80 9.20 17.58
N THR C 30 -12.69 9.92 17.50
CA THR C 30 -12.68 11.31 17.93
C THR C 30 -13.48 12.19 16.95
N GLN C 31 -13.84 11.60 15.82
CA GLN C 31 -14.58 12.28 14.76
C GLN C 31 -13.78 13.44 14.18
N THR C 32 -12.46 13.33 14.19
CA THR C 32 -11.62 14.38 13.61
C THR C 32 -11.81 14.22 12.11
N TYR C 33 -12.08 15.34 11.44
CA TYR C 33 -12.36 15.32 10.00
C TYR C 33 -11.37 16.22 9.25
N SER C 34 -10.10 15.85 9.31
CA SER C 34 -9.02 16.60 8.67
C SER C 34 -7.81 15.68 8.60
N CYS C 35 -6.74 16.13 7.94
CA CYS C 35 -5.53 15.32 7.76
C CYS C 35 -4.83 14.87 9.04
N ALA C 36 -4.68 13.55 9.19
CA ALA C 36 -4.00 13.00 10.36
C ALA C 36 -2.49 13.15 10.18
N TYR C 37 -1.74 12.95 11.26
CA TYR C 37 -0.30 13.07 11.20
C TYR C 37 0.39 11.82 11.72
N PHE C 38 0.81 10.95 10.81
CA PHE C 38 1.48 9.73 11.22
C PHE C 38 2.94 10.05 11.48
N GLU C 39 3.21 10.73 12.58
CA GLU C 39 4.59 11.09 12.92
C GLU C 39 5.38 9.82 13.21
N ARG C 40 4.65 8.73 13.37
CA ARG C 40 5.22 7.40 13.62
C ARG C 40 4.43 6.55 12.63
N ASP C 41 5.08 6.04 11.59
CA ASP C 41 4.38 5.25 10.58
C ASP C 41 3.59 4.01 11.01
N ASP C 42 3.62 3.68 12.30
CA ASP C 42 2.88 2.53 12.80
C ASP C 42 1.63 2.94 13.58
N THR C 44 -2.18 4.35 14.50
CA THR C 44 -3.52 4.05 14.04
C THR C 44 -4.07 5.41 13.63
N LEU C 45 -5.21 5.42 12.95
CA LEU C 45 -5.82 6.66 12.52
C LEU C 45 -6.06 7.55 13.74
N GLN C 46 -6.61 6.94 14.80
CA GLN C 46 -6.90 7.67 16.04
C GLN C 46 -5.65 8.32 16.62
N GLU C 47 -4.55 7.57 16.67
CA GLU C 47 -3.31 8.08 17.21
C GLU C 47 -2.76 9.20 16.34
N ALA C 48 -2.83 9.02 15.03
CA ALA C 48 -2.33 10.02 14.08
C ALA C 48 -3.16 11.30 14.15
N GLN C 49 -4.45 11.17 14.45
CA GLN C 49 -5.32 12.35 14.55
C GLN C 49 -4.97 13.14 15.81
N ILE C 50 -4.65 12.43 16.87
CA ILE C 50 -4.26 13.07 18.12
C ILE C 50 -2.90 13.72 17.89
N ALA C 51 -2.04 13.04 17.14
CA ALA C 51 -0.71 13.57 16.85
C ALA C 51 -0.83 14.84 16.01
N LYS C 52 -1.84 14.89 15.15
CA LYS C 52 -2.05 16.07 14.31
C LYS C 52 -2.55 17.21 15.21
N ILE C 53 -3.44 16.89 16.13
CA ILE C 53 -3.97 17.89 17.04
C ILE C 53 -2.82 18.44 17.89
N ASP C 54 -1.97 17.55 18.38
CA ASP C 54 -0.82 17.93 19.20
C ASP C 54 0.21 18.74 18.42
N LEU C 55 0.35 18.45 17.12
CA LEU C 55 1.29 19.18 16.29
C LEU C 55 0.81 20.62 16.18
N ALA C 56 -0.50 20.77 16.00
CA ALA C 56 -1.11 22.09 15.87
C ALA C 56 -1.08 22.88 17.19
N LEU C 57 -1.59 22.28 18.26
CA LEU C 57 -1.65 22.97 19.54
C LEU C 57 -0.25 23.27 20.07
N GLY C 58 0.69 22.39 19.76
CA GLY C 58 2.06 22.57 20.22
C GLY C 58 2.80 23.76 19.63
N LYS C 59 2.22 24.41 18.63
CA LYS C 59 2.86 25.56 18.00
C LYS C 59 2.29 26.86 18.54
N LEU C 60 1.32 26.75 19.44
CA LEU C 60 0.65 27.92 20.00
C LEU C 60 1.17 28.50 21.30
N GLY C 61 2.12 27.81 21.93
CA GLY C 61 2.66 28.30 23.19
C GLY C 61 1.57 28.42 24.25
N LEU C 62 0.75 27.38 24.34
CA LEU C 62 -0.34 27.36 25.31
C LEU C 62 0.13 27.32 26.75
N GLN C 63 -0.62 28.01 27.62
CA GLN C 63 -0.35 28.06 29.05
C GLN C 63 -1.67 27.96 29.77
N PRO C 64 -1.69 27.35 30.95
CA PRO C 64 -2.94 27.22 31.71
C PRO C 64 -3.64 28.56 31.86
N GLY C 65 -4.95 28.58 31.68
CA GLY C 65 -5.70 29.81 31.84
C GLY C 65 -6.03 30.57 30.57
N THR C 67 -7.31 31.35 26.72
CA THR C 67 -8.56 31.02 26.05
C THR C 67 -8.21 30.77 24.59
N LEU C 68 -8.46 29.55 24.13
CA LEU C 68 -8.18 29.18 22.76
C LEU C 68 -9.46 29.24 21.94
N LEU C 69 -9.37 29.82 20.75
CA LEU C 69 -10.52 29.92 19.85
C LEU C 69 -10.32 28.91 18.72
N ASP C 70 -11.26 28.00 18.56
CA ASP C 70 -11.16 27.00 17.49
C ASP C 70 -12.20 27.37 16.43
N VAL C 71 -11.73 27.93 15.32
CA VAL C 71 -12.62 28.33 14.22
C VAL C 71 -12.95 27.12 13.33
N GLY C 72 -14.19 26.64 13.42
CA GLY C 72 -14.62 25.49 12.65
C GLY C 72 -14.22 24.26 13.46
N CYS C 73 -14.73 24.21 14.69
CA CYS C 73 -14.37 23.14 15.61
C CYS C 73 -14.83 21.72 15.30
N GLY C 74 -15.65 21.54 14.26
CA GLY C 74 -16.10 20.20 13.93
C GLY C 74 -16.78 19.53 15.10
N TRP C 75 -16.48 18.26 15.33
CA TRP C 75 -17.11 17.54 16.43
C TRP C 75 -16.40 17.65 17.78
N GLY C 76 -15.60 18.71 17.92
CA GLY C 76 -14.91 18.98 19.19
C GLY C 76 -13.68 18.28 19.70
N ALA C 77 -13.04 17.40 18.93
CA ALA C 77 -11.87 16.69 19.44
C ALA C 77 -10.69 17.61 19.76
N THR C 78 -10.49 18.65 18.96
CA THR C 78 -9.38 19.56 19.20
C THR C 78 -9.61 20.39 20.47
N ARG C 81 -9.20 18.29 23.67
CA ARG C 81 -7.80 17.90 23.86
C ARG C 81 -7.04 19.10 24.42
N ALA C 82 -7.35 20.29 23.92
CA ALA C 82 -6.70 21.50 24.38
C ALA C 82 -7.01 21.69 25.85
N VAL C 83 -8.27 21.44 26.22
CA VAL C 83 -8.67 21.57 27.61
C VAL C 83 -8.04 20.47 28.48
N GLU C 84 -8.17 19.23 28.03
CA GLU C 84 -7.66 18.07 28.77
C GLU C 84 -6.14 18.00 28.95
N LYS C 85 -5.41 18.18 27.87
CA LYS C 85 -3.95 18.11 27.89
C LYS C 85 -3.22 19.41 28.15
N TYR C 86 -3.77 20.53 27.69
CA TYR C 86 -3.09 21.80 27.86
C TYR C 86 -3.65 22.75 28.92
N ASP C 87 -4.80 22.38 29.49
CA ASP C 87 -5.44 23.15 30.55
C ASP C 87 -5.84 24.57 30.16
N VAL C 88 -6.37 24.73 28.94
CA VAL C 88 -6.78 26.05 28.51
C VAL C 88 -8.29 26.09 28.38
N ASN C 89 -8.87 27.29 28.44
CA ASN C 89 -10.30 27.44 28.26
C ASN C 89 -10.47 27.44 26.75
N VAL C 90 -11.65 27.10 26.26
CA VAL C 90 -11.88 27.06 24.82
C VAL C 90 -13.24 27.58 24.39
N VAL C 91 -13.31 28.04 23.16
CA VAL C 91 -14.53 28.54 22.52
C VAL C 91 -14.48 27.95 21.11
N GLY C 92 -15.51 27.20 20.73
CA GLY C 92 -15.51 26.61 19.40
C GLY C 92 -16.61 27.18 18.54
N LEU C 93 -16.31 27.42 17.26
CA LEU C 93 -17.30 27.96 16.33
C LEU C 93 -17.54 26.95 15.21
N THR C 94 -18.80 26.74 14.86
CA THR C 94 -19.16 25.83 13.79
C THR C 94 -20.52 26.23 13.22
N LEU C 95 -20.70 26.05 11.92
CA LEU C 95 -21.96 26.39 11.29
C LEU C 95 -22.88 25.17 11.24
N SER C 96 -22.34 24.02 11.64
CA SER C 96 -23.08 22.77 11.65
C SER C 96 -23.95 22.60 12.88
N LYS C 97 -25.24 22.40 12.67
CA LYS C 97 -26.16 22.22 13.78
C LYS C 97 -25.84 20.94 14.53
N ASN C 98 -25.59 19.87 13.78
CA ASN C 98 -25.26 18.59 14.41
C ASN C 98 -23.97 18.68 15.21
N GLN C 99 -22.96 19.33 14.64
CA GLN C 99 -21.69 19.45 15.35
C GLN C 99 -21.88 20.26 16.63
N ALA C 100 -22.61 21.37 16.55
CA ALA C 100 -22.84 22.20 17.73
C ALA C 100 -23.55 21.39 18.80
N ASN C 101 -24.54 20.61 18.40
CA ASN C 101 -25.29 19.77 19.34
C ASN C 101 -24.39 18.72 19.99
N HIS C 102 -23.55 18.08 19.17
CA HIS C 102 -22.64 17.06 19.67
C HIS C 102 -21.63 17.64 20.68
N VAL C 103 -21.02 18.75 20.34
CA VAL C 103 -20.03 19.34 21.23
C VAL C 103 -20.68 19.87 22.50
N GLN C 104 -21.92 20.34 22.38
CA GLN C 104 -22.62 20.85 23.54
C GLN C 104 -22.74 19.71 24.57
N GLN C 105 -22.88 18.48 24.09
CA GLN C 105 -22.97 17.32 24.97
C GLN C 105 -21.59 17.00 25.58
N LEU C 106 -20.53 17.17 24.79
CA LEU C 106 -19.17 16.92 25.29
C LEU C 106 -18.89 17.91 26.42
N VAL C 107 -19.35 19.14 26.24
CA VAL C 107 -19.17 20.20 27.21
C VAL C 107 -19.99 19.93 28.46
N ALA C 108 -21.26 19.61 28.28
CA ALA C 108 -22.16 19.34 29.40
C ALA C 108 -21.72 18.16 30.27
N ASN C 109 -21.07 17.17 29.66
CA ASN C 109 -20.63 15.99 30.40
C ASN C 109 -19.18 16.00 30.85
N SER C 110 -18.47 17.11 30.58
CA SER C 110 -17.07 17.21 30.96
C SER C 110 -16.91 17.36 32.47
N GLU C 111 -15.82 16.80 32.99
CA GLU C 111 -15.51 16.88 34.42
C GLU C 111 -14.39 17.87 34.66
N ASN C 112 -13.92 18.49 33.59
CA ASN C 112 -12.82 19.46 33.68
C ASN C 112 -13.37 20.83 34.04
N LEU C 113 -12.70 21.51 34.97
CA LEU C 113 -13.12 22.83 35.44
C LEU C 113 -13.01 23.98 34.44
N ARG C 114 -12.19 23.82 33.41
CA ARG C 114 -12.02 24.91 32.46
C ARG C 114 -13.30 25.27 31.69
N SER C 115 -13.40 26.54 31.30
CA SER C 115 -14.54 27.04 30.55
C SER C 115 -14.52 26.51 29.13
N LYS C 116 -15.66 26.02 28.66
CA LYS C 116 -15.76 25.49 27.31
C LYS C 116 -17.09 25.91 26.73
N ARG C 117 -17.05 26.51 25.55
CA ARG C 117 -18.24 26.95 24.86
C ARG C 117 -18.16 26.56 23.40
N VAL C 118 -19.30 26.25 22.82
CA VAL C 118 -19.38 25.92 21.41
C VAL C 118 -20.52 26.83 20.93
N LEU C 119 -20.32 27.48 19.79
CA LEU C 119 -21.32 28.39 19.27
C LEU C 119 -21.72 28.07 17.84
N LEU C 120 -23.03 28.00 17.60
CA LEU C 120 -23.50 27.76 16.24
C LEU C 120 -23.39 29.13 15.59
N ALA C 121 -22.22 29.43 15.03
CA ALA C 121 -22.00 30.72 14.41
C ALA C 121 -20.66 30.71 13.69
N GLY C 122 -20.48 31.68 12.80
CA GLY C 122 -19.23 31.76 12.07
C GLY C 122 -18.29 32.77 12.70
N TRP C 123 -17.04 32.78 12.28
CA TRP C 123 -16.09 33.74 12.80
C TRP C 123 -16.59 35.14 12.46
N GLU C 124 -17.42 35.23 11.42
CA GLU C 124 -17.98 36.50 10.98
C GLU C 124 -18.84 37.10 12.09
N GLN C 125 -19.29 36.25 13.00
CA GLN C 125 -20.17 36.67 14.09
C GLN C 125 -19.54 36.59 15.47
N PHE C 126 -18.23 36.38 15.53
CA PHE C 126 -17.55 36.28 16.82
C PHE C 126 -16.73 37.54 17.04
N ASP C 127 -17.02 38.24 18.13
CA ASP C 127 -16.31 39.48 18.43
C ASP C 127 -15.84 39.49 19.87
N GLU C 128 -14.96 38.56 20.21
CA GLU C 128 -14.45 38.48 21.57
C GLU C 128 -12.94 38.33 21.63
N PRO C 129 -12.29 39.03 22.56
CA PRO C 129 -10.83 38.91 22.68
C PRO C 129 -10.49 37.48 23.09
N VAL C 130 -9.46 36.90 22.47
CA VAL C 130 -9.01 35.55 22.82
C VAL C 130 -7.48 35.58 22.85
N ASP C 131 -6.89 34.55 23.46
CA ASP C 131 -5.43 34.49 23.57
C ASP C 131 -4.76 33.84 22.38
N ARG C 132 -5.33 32.75 21.87
CA ARG C 132 -4.75 32.06 20.73
C ARG C 132 -5.87 31.55 19.83
N ILE C 133 -5.51 31.21 18.60
CA ILE C 133 -6.48 30.71 17.65
C ILE C 133 -5.94 29.53 16.88
N VAL C 134 -6.79 28.54 16.66
CA VAL C 134 -6.45 27.37 15.89
C VAL C 134 -7.63 27.16 14.94
N SER C 135 -7.35 26.80 13.70
CA SER C 135 -8.38 26.55 12.71
C SER C 135 -7.84 25.47 11.76
N ILE C 136 -8.52 24.33 11.74
CA ILE C 136 -8.12 23.20 10.91
C ILE C 136 -9.24 22.74 9.97
N GLY C 137 -9.02 22.86 8.67
CA GLY C 137 -10.02 22.43 7.70
C GLY C 137 -11.28 23.27 7.56
N ALA C 138 -11.26 24.51 8.04
CA ALA C 138 -12.43 25.38 7.92
C ALA C 138 -12.20 26.45 6.86
N PHE C 139 -10.95 26.89 6.75
CA PHE C 139 -10.52 27.92 5.80
C PHE C 139 -10.98 27.67 4.37
N GLU C 140 -10.99 26.41 3.98
CA GLU C 140 -11.40 26.03 2.64
C GLU C 140 -12.85 26.40 2.35
N HIS C 141 -13.64 26.56 3.42
CA HIS C 141 -15.05 26.94 3.28
C HIS C 141 -15.28 28.44 3.29
N PHE C 142 -14.25 29.21 3.65
CA PHE C 142 -14.40 30.66 3.73
C PHE C 142 -14.65 31.39 2.40
N GLY C 143 -13.97 30.97 1.34
CA GLY C 143 -14.13 31.60 0.05
C GLY C 143 -13.10 32.69 -0.13
N HIS C 144 -12.53 32.80 -1.33
CA HIS C 144 -11.51 33.82 -1.60
C HIS C 144 -11.96 35.21 -1.14
N GLU C 145 -13.25 35.48 -1.25
CA GLU C 145 -13.82 36.77 -0.87
C GLU C 145 -13.55 37.19 0.58
N ARG C 146 -13.66 36.24 1.50
CA ARG C 146 -13.49 36.55 2.91
C ARG C 146 -12.12 36.30 3.54
N TYR C 147 -11.14 35.90 2.75
CA TYR C 147 -9.81 35.66 3.30
C TYR C 147 -9.28 36.86 4.06
N ASP C 148 -9.24 38.02 3.38
CA ASP C 148 -8.74 39.23 4.00
C ASP C 148 -9.55 39.57 5.25
N ALA C 149 -10.87 39.45 5.15
CA ALA C 149 -11.74 39.73 6.30
C ALA C 149 -11.43 38.78 7.44
N PHE C 150 -11.15 37.52 7.12
CA PHE C 150 -10.84 36.54 8.15
C PHE C 150 -9.55 36.84 8.88
N PHE C 151 -8.48 37.10 8.14
CA PHE C 151 -7.19 37.41 8.75
C PHE C 151 -7.24 38.69 9.57
N SER C 152 -8.01 39.67 9.11
CA SER C 152 -8.14 40.93 9.82
C SER C 152 -8.72 40.66 11.20
N LEU C 153 -9.82 39.92 11.23
CA LEU C 153 -10.50 39.58 12.46
C LEU C 153 -9.60 38.79 13.41
N ALA C 154 -8.86 37.84 12.85
CA ALA C 154 -7.96 37.01 13.66
C ALA C 154 -6.84 37.82 14.27
N HIS C 155 -6.26 38.72 13.49
CA HIS C 155 -5.18 39.55 13.98
C HIS C 155 -5.70 40.52 15.04
N ARG C 156 -6.95 40.95 14.89
CA ARG C 156 -7.56 41.87 15.83
C ARG C 156 -7.92 41.24 17.19
N LEU C 157 -8.57 40.08 17.16
CA LEU C 157 -8.98 39.41 18.40
C LEU C 157 -7.82 38.85 19.21
N LEU C 158 -6.70 38.60 18.54
CA LEU C 158 -5.51 38.05 19.17
C LEU C 158 -4.81 39.12 20.04
N PRO C 159 -4.05 38.69 21.06
CA PRO C 159 -3.33 39.62 21.95
C PRO C 159 -2.08 40.15 21.25
N ALA C 160 -1.39 41.08 21.89
CA ALA C 160 -0.19 41.67 21.32
C ALA C 160 0.76 40.67 20.66
N ASP C 161 1.01 39.54 21.33
CA ASP C 161 1.89 38.52 20.77
C ASP C 161 1.13 37.23 20.52
N GLY C 162 -0.13 37.36 20.12
CA GLY C 162 -0.93 36.19 19.86
C GLY C 162 -0.38 35.38 18.70
N VAL C 163 -0.85 34.15 18.60
CA VAL C 163 -0.43 33.24 17.54
C VAL C 163 -1.66 32.49 17.02
N LEU C 165 -2.62 29.12 14.47
CA LEU C 165 -2.12 28.01 13.67
C LEU C 165 -3.23 27.79 12.66
N LEU C 166 -2.96 28.11 11.40
CA LEU C 166 -3.92 27.96 10.33
C LEU C 166 -3.57 26.71 9.53
N HIS C 167 -4.44 25.71 9.62
CA HIS C 167 -4.25 24.44 8.92
C HIS C 167 -5.27 24.36 7.80
N THR C 168 -4.78 24.27 6.56
CA THR C 168 -5.67 24.20 5.42
C THR C 168 -5.11 23.47 4.22
N ILE C 169 -6.01 22.94 3.41
CA ILE C 169 -5.63 22.26 2.18
C ILE C 169 -5.27 23.39 1.25
N THR C 170 -4.30 23.16 0.37
CA THR C 170 -3.89 24.16 -0.59
C THR C 170 -3.82 23.43 -1.91
N GLY C 171 -3.89 24.17 -3.02
CA GLY C 171 -3.84 23.50 -4.30
C GLY C 171 -3.21 24.26 -5.44
N LEU C 172 -2.89 23.54 -6.49
CA LEU C 172 -2.27 24.10 -7.69
C LEU C 172 -3.38 24.35 -8.71
N HIS C 173 -3.14 25.25 -9.66
CA HIS C 173 -4.10 25.57 -10.69
C HIS C 173 -3.92 24.63 -11.89
N PRO C 174 -5.01 24.00 -12.36
CA PRO C 174 -4.97 23.08 -13.50
C PRO C 174 -4.14 23.59 -14.67
N LYS C 175 -4.27 24.88 -14.97
CA LYS C 175 -3.53 25.48 -16.07
C LYS C 175 -2.02 25.44 -15.84
N GLU C 176 -1.59 25.84 -14.65
CA GLU C 176 -0.16 25.86 -14.30
C GLU C 176 0.44 24.47 -14.45
N ILE C 177 -0.32 23.45 -14.08
CA ILE C 177 0.11 22.06 -14.19
C ILE C 177 0.26 21.74 -15.66
N HIS C 178 -0.71 22.20 -16.44
CA HIS C 178 -0.76 22.00 -17.89
C HIS C 178 0.43 22.67 -18.56
N GLU C 179 0.86 23.81 -18.01
CA GLU C 179 1.98 24.57 -18.56
C GLU C 179 3.35 23.96 -18.24
N ARG C 180 3.36 22.84 -17.52
CA ARG C 180 4.61 22.19 -17.17
C ARG C 180 4.69 20.72 -17.59
N GLY C 181 4.08 20.42 -18.73
CA GLY C 181 4.09 19.06 -19.25
C GLY C 181 3.53 18.03 -18.29
N LEU C 182 2.80 18.50 -17.28
CA LEU C 182 2.20 17.61 -16.29
C LEU C 182 0.81 17.19 -16.78
N PRO C 183 0.51 15.87 -16.71
CA PRO C 183 -0.78 15.34 -17.15
C PRO C 183 -1.86 15.42 -16.07
N SER C 185 -4.30 17.20 -15.87
CA SER C 185 -4.87 18.53 -15.67
C SER C 185 -6.37 18.60 -15.97
N PHE C 186 -6.85 17.78 -16.91
CA PHE C 186 -8.28 17.77 -17.24
C PHE C 186 -9.05 17.01 -16.18
N THR C 187 -8.55 15.82 -15.85
CA THR C 187 -9.16 14.98 -14.82
C THR C 187 -9.25 15.75 -13.50
N PHE C 188 -8.21 16.52 -13.21
CA PHE C 188 -8.14 17.31 -11.98
C PHE C 188 -9.18 18.43 -12.00
N ALA C 189 -9.28 19.15 -13.11
CA ALA C 189 -10.24 20.23 -13.24
C ALA C 189 -11.65 19.67 -13.02
N ARG C 190 -11.89 18.51 -13.61
CA ARG C 190 -13.19 17.84 -13.50
C ARG C 190 -13.46 17.42 -12.06
N PHE C 191 -12.41 16.97 -11.36
CA PHE C 191 -12.59 16.53 -9.97
C PHE C 191 -12.92 17.71 -9.07
N LEU C 192 -12.24 18.84 -9.28
CA LEU C 192 -12.50 20.04 -8.48
C LEU C 192 -13.94 20.49 -8.66
N LYS C 193 -14.45 20.35 -9.89
CA LYS C 193 -15.82 20.72 -10.20
C LYS C 193 -16.75 19.78 -9.42
N PHE C 194 -16.41 18.51 -9.41
CA PHE C 194 -17.21 17.53 -8.70
C PHE C 194 -17.27 17.84 -7.21
N ILE C 195 -16.11 18.01 -6.59
CA ILE C 195 -16.04 18.28 -5.15
C ILE C 195 -16.79 19.54 -4.77
N VAL C 196 -16.56 20.62 -5.51
CA VAL C 196 -17.21 21.90 -5.23
C VAL C 196 -18.72 21.92 -5.52
N THR C 197 -19.21 21.05 -6.37
CA THR C 197 -20.65 21.06 -6.64
C THR C 197 -21.45 19.98 -5.92
N GLU C 198 -20.82 18.84 -5.65
CA GLU C 198 -21.54 17.74 -4.99
C GLU C 198 -21.11 17.38 -3.57
N ILE C 199 -19.93 17.83 -3.14
CA ILE C 199 -19.43 17.50 -1.80
C ILE C 199 -19.37 18.73 -0.90
N PHE C 200 -18.69 19.77 -1.35
CA PHE C 200 -18.55 20.98 -0.57
C PHE C 200 -18.98 22.22 -1.36
N PRO C 201 -20.29 22.51 -1.39
CA PRO C 201 -20.82 23.67 -2.11
C PRO C 201 -20.14 24.94 -1.60
N GLY C 202 -19.76 25.82 -2.52
CA GLY C 202 -19.12 27.07 -2.13
C GLY C 202 -17.66 26.90 -1.74
N GLY C 203 -17.22 25.65 -1.63
CA GLY C 203 -15.84 25.41 -1.28
C GLY C 203 -14.88 26.06 -2.26
N ARG C 204 -13.74 26.50 -1.76
CA ARG C 204 -12.73 27.14 -2.60
C ARG C 204 -11.33 26.71 -2.18
N LEU C 205 -10.56 26.26 -3.17
CA LEU C 205 -9.20 25.79 -2.94
C LEU C 205 -8.21 26.96 -2.88
N PRO C 206 -7.51 27.11 -1.75
CA PRO C 206 -6.52 28.16 -1.52
C PRO C 206 -5.16 27.81 -2.14
N SER C 207 -4.35 28.82 -2.44
CA SER C 207 -3.02 28.59 -2.97
C SER C 207 -2.10 29.01 -1.83
N ILE C 208 -0.90 28.45 -1.79
CA ILE C 208 0.05 28.79 -0.73
C ILE C 208 0.42 30.27 -0.74
N PRO C 209 0.87 30.80 -1.89
CA PRO C 209 1.25 32.22 -1.96
C PRO C 209 0.12 33.12 -1.47
N VAL C 211 -2.23 32.47 0.77
CA VAL C 211 -2.35 32.44 2.21
C VAL C 211 -1.27 33.37 2.76
N GLN C 212 -0.07 33.25 2.20
CA GLN C 212 1.06 34.09 2.61
C GLN C 212 0.71 35.55 2.43
N GLU C 213 0.17 35.88 1.26
CA GLU C 213 -0.22 37.25 0.93
C GLU C 213 -1.19 37.80 1.98
N CYS C 214 -2.39 37.24 2.03
CA CYS C 214 -3.41 37.70 2.98
C CYS C 214 -2.92 37.76 4.43
N ALA C 215 -2.17 36.75 4.86
CA ALA C 215 -1.66 36.71 6.22
C ALA C 215 -0.74 37.89 6.47
N SER C 216 0.15 38.15 5.53
CA SER C 216 1.11 39.25 5.66
C SER C 216 0.44 40.63 5.56
N ALA C 217 -0.54 40.74 4.68
CA ALA C 217 -1.23 42.00 4.48
C ALA C 217 -1.99 42.43 5.74
N ASN C 218 -2.35 41.46 6.57
CA ASN C 218 -3.11 41.73 7.79
C ASN C 218 -2.29 41.75 9.08
N GLY C 219 -1.01 42.08 8.97
CA GLY C 219 -0.18 42.16 10.15
C GLY C 219 0.43 40.87 10.68
N PHE C 220 0.19 39.75 10.01
CA PHE C 220 0.75 38.49 10.46
C PHE C 220 2.11 38.21 9.84
N THR C 221 2.89 37.39 10.52
CA THR C 221 4.20 36.97 10.03
C THR C 221 4.19 35.45 10.07
N VAL C 222 4.23 34.82 8.90
CA VAL C 222 4.22 33.37 8.82
C VAL C 222 5.63 32.86 9.14
N THR C 223 5.82 32.38 10.36
CA THR C 223 7.12 31.88 10.79
C THR C 223 7.41 30.46 10.35
N ARG C 224 6.40 29.76 9.86
CA ARG C 224 6.60 28.39 9.38
C ARG C 224 5.40 27.86 8.61
N VAL C 225 5.70 27.07 7.59
CA VAL C 225 4.70 26.44 6.75
C VAL C 225 5.14 24.98 6.72
N GLN C 226 4.29 24.09 7.20
CA GLN C 226 4.61 22.68 7.23
C GLN C 226 3.57 21.89 6.46
N SER C 227 4.03 21.11 5.47
CA SER C 227 3.14 20.31 4.65
C SER C 227 2.98 18.91 5.25
N LEU C 228 1.76 18.38 5.20
CA LEU C 228 1.46 17.05 5.70
C LEU C 228 0.94 16.27 4.50
N GLN C 229 1.37 16.71 3.32
CA GLN C 229 0.93 16.12 2.07
C GLN C 229 0.82 14.59 2.02
N PRO C 230 1.93 13.88 2.26
CA PRO C 230 1.93 12.41 2.24
C PRO C 230 0.88 11.80 3.15
N HIS C 231 0.67 12.44 4.30
CA HIS C 231 -0.27 11.96 5.30
C HIS C 231 -1.74 11.99 4.91
N TYR C 232 -2.13 12.89 4.01
CA TYR C 232 -3.54 12.94 3.65
C TYR C 232 -3.99 11.80 2.74
N ALA C 233 -3.13 11.35 1.83
CA ALA C 233 -3.51 10.25 0.96
C ALA C 233 -3.79 9.05 1.87
N LYS C 234 -2.94 8.88 2.86
CA LYS C 234 -3.08 7.79 3.81
C LYS C 234 -4.36 7.93 4.62
N THR C 235 -4.64 9.16 5.08
CA THR C 235 -5.84 9.42 5.87
C THR C 235 -7.09 9.09 5.05
N LEU C 236 -7.11 9.56 3.80
CA LEU C 236 -8.24 9.33 2.92
C LEU C 236 -8.44 7.86 2.63
N ASP C 237 -7.33 7.14 2.39
CA ASP C 237 -7.43 5.71 2.12
C ASP C 237 -8.07 5.01 3.31
N LEU C 238 -7.65 5.39 4.51
CA LEU C 238 -8.21 4.79 5.71
C LEU C 238 -9.69 5.13 5.85
N TRP C 239 -10.08 6.33 5.39
CA TRP C 239 -11.49 6.72 5.48
C TRP C 239 -12.32 5.93 4.46
N SER C 240 -11.86 5.87 3.23
CA SER C 240 -12.61 5.15 2.20
C SER C 240 -12.72 3.66 2.55
N ALA C 241 -11.67 3.11 3.17
CA ALA C 241 -11.68 1.70 3.55
C ALA C 241 -12.79 1.40 4.54
N ALA C 242 -12.95 2.28 5.53
CA ALA C 242 -13.98 2.10 6.55
C ALA C 242 -15.37 2.25 5.96
N LEU C 243 -15.60 3.32 5.18
CA LEU C 243 -16.91 3.52 4.59
C LEU C 243 -17.28 2.36 3.67
N GLN C 244 -16.30 1.85 2.94
CA GLN C 244 -16.57 0.73 2.03
C GLN C 244 -16.99 -0.49 2.84
N ALA C 245 -16.24 -0.81 3.87
CA ALA C 245 -16.57 -1.95 4.72
C ALA C 245 -17.93 -1.72 5.37
N ASN C 246 -18.31 -0.44 5.53
CA ASN C 246 -19.60 -0.07 6.13
C ASN C 246 -20.66 0.25 5.06
N LYS C 247 -20.44 -0.18 3.83
CA LYS C 247 -21.40 0.10 2.75
C LYS C 247 -22.85 -0.14 3.14
N GLY C 248 -23.13 -1.29 3.74
CA GLY C 248 -24.48 -1.62 4.14
C GLY C 248 -25.15 -0.59 5.03
N GLN C 249 -24.48 -0.20 6.10
CA GLN C 249 -25.05 0.79 7.01
C GLN C 249 -25.19 2.16 6.37
N ALA C 250 -24.25 2.49 5.50
CA ALA C 250 -24.26 3.78 4.81
C ALA C 250 -25.54 3.94 4.01
N ILE C 251 -25.92 2.87 3.30
CA ILE C 251 -27.12 2.89 2.47
C ILE C 251 -28.38 2.85 3.33
N ALA C 252 -28.29 2.17 4.46
CA ALA C 252 -29.45 2.07 5.36
C ALA C 252 -29.72 3.43 6.00
N LEU C 253 -28.66 4.09 6.47
CA LEU C 253 -28.80 5.40 7.09
C LEU C 253 -29.03 6.49 6.06
N GLN C 254 -28.54 6.28 4.85
CA GLN C 254 -28.70 7.26 3.78
C GLN C 254 -29.24 6.61 2.51
N SER C 255 -28.38 6.45 1.51
CA SER C 255 -28.78 5.84 0.27
C SER C 255 -27.59 5.45 -0.58
N GLU C 256 -27.84 4.68 -1.63
CA GLU C 256 -26.79 4.26 -2.54
C GLU C 256 -26.15 5.50 -3.14
N GLU C 257 -26.99 6.48 -3.48
CA GLU C 257 -26.54 7.73 -4.07
C GLU C 257 -25.50 8.40 -3.17
N VAL C 258 -25.85 8.56 -1.90
CA VAL C 258 -24.95 9.19 -0.92
C VAL C 258 -23.66 8.38 -0.75
N TYR C 259 -23.80 7.06 -0.69
CA TYR C 259 -22.64 6.19 -0.52
C TYR C 259 -21.65 6.30 -1.70
N GLU C 260 -22.16 6.15 -2.92
CA GLU C 260 -21.34 6.24 -4.12
C GLU C 260 -20.64 7.59 -4.24
N ARG C 261 -21.35 8.66 -3.89
CA ARG C 261 -20.77 10.00 -3.96
C ARG C 261 -19.65 10.18 -2.96
N TYR C 262 -19.84 9.73 -1.74
CA TYR C 262 -18.79 9.87 -0.75
C TYR C 262 -17.59 9.02 -1.07
N LYS C 264 -16.59 8.19 -4.07
CA LYS C 264 -15.93 8.84 -5.20
C LYS C 264 -15.14 10.02 -4.68
N TYR C 265 -15.71 10.72 -3.72
CA TYR C 265 -15.06 11.88 -3.12
C TYR C 265 -13.79 11.47 -2.38
N LEU C 266 -13.91 10.49 -1.48
CA LEU C 266 -12.75 10.05 -0.71
C LEU C 266 -11.60 9.48 -1.54
N THR C 267 -11.90 8.53 -2.43
CA THR C 267 -10.85 7.93 -3.24
C THR C 267 -10.23 8.94 -4.21
N GLY C 268 -11.08 9.76 -4.81
CA GLY C 268 -10.58 10.76 -5.73
C GLY C 268 -9.59 11.68 -5.04
N CYS C 269 -9.96 12.16 -3.85
CA CYS C 269 -9.09 13.05 -3.10
C CYS C 269 -7.76 12.39 -2.78
N ALA C 270 -7.80 11.10 -2.47
CA ALA C 270 -6.58 10.37 -2.15
C ALA C 270 -5.60 10.39 -3.33
N GLU C 271 -6.12 10.15 -4.53
CA GLU C 271 -5.29 10.13 -5.75
C GLU C 271 -4.74 11.49 -6.14
N PHE C 273 -3.98 13.78 -3.94
CA PHE C 273 -2.94 14.07 -2.94
C PHE C 273 -1.69 13.26 -3.29
N ARG C 274 -1.91 12.03 -3.76
CA ARG C 274 -0.80 11.15 -4.15
C ARG C 274 -0.06 11.73 -5.35
N ILE C 275 -0.81 12.26 -6.31
CA ILE C 275 -0.19 12.85 -7.50
C ILE C 275 0.47 14.19 -7.18
N GLY C 276 0.11 14.76 -6.03
CA GLY C 276 0.71 16.01 -5.62
C GLY C 276 0.08 17.28 -6.16
N TYR C 277 -1.13 17.19 -6.71
CA TYR C 277 -1.76 18.39 -7.24
C TYR C 277 -2.45 19.19 -6.14
N ILE C 278 -2.66 18.54 -5.00
CA ILE C 278 -3.24 19.19 -3.84
C ILE C 278 -2.30 18.94 -2.67
N ASP C 279 -2.35 19.82 -1.67
CA ASP C 279 -1.47 19.74 -0.52
C ASP C 279 -2.26 20.15 0.72
N VAL C 280 -1.63 20.07 1.89
CA VAL C 280 -2.25 20.46 3.14
C VAL C 280 -1.13 21.05 3.99
N ASN C 281 -1.33 22.27 4.44
CA ASN C 281 -0.30 22.96 5.20
C ASN C 281 -0.76 23.60 6.49
N GLN C 282 0.13 23.61 7.48
CA GLN C 282 -0.14 24.27 8.76
C GLN C 282 0.71 25.54 8.72
N PHE C 283 0.05 26.69 8.80
CA PHE C 283 0.74 28.00 8.77
C PHE C 283 0.77 28.59 10.16
N THR C 284 1.96 28.78 10.71
CA THR C 284 2.08 29.39 12.03
C THR C 284 2.10 30.90 11.80
N CYS C 285 1.01 31.57 12.17
CA CYS C 285 0.87 33.01 11.98
C CYS C 285 1.09 33.80 13.27
N GLN C 286 2.24 34.47 13.34
CA GLN C 286 2.64 35.26 14.51
C GLN C 286 2.17 36.70 14.43
N LYS C 287 1.54 37.19 15.48
CA LYS C 287 1.06 38.57 15.50
C LYS C 287 2.18 39.48 16.01
N LEU D 5 11.27 -1.13 2.70
CA LEU D 5 12.15 0.05 3.01
C LEU D 5 11.55 1.36 2.51
N LYS D 6 11.19 2.23 3.45
CA LYS D 6 10.62 3.52 3.10
C LYS D 6 11.67 4.64 3.13
N PRO D 7 11.75 5.44 2.06
CA PRO D 7 12.73 6.53 1.99
C PRO D 7 12.50 7.55 3.10
N HIS D 8 13.58 8.13 3.62
CA HIS D 8 13.47 9.14 4.66
C HIS D 8 13.25 10.50 4.02
N PHE D 9 12.08 10.68 3.41
CA PHE D 9 11.75 11.92 2.73
C PHE D 9 11.86 13.15 3.64
N ALA D 10 11.34 13.03 4.86
CA ALA D 10 11.37 14.14 5.80
C ALA D 10 12.78 14.65 6.11
N ASN D 11 13.64 13.74 6.58
CA ASN D 11 15.02 14.10 6.93
C ASN D 11 15.78 14.74 5.78
N VAL D 12 15.66 14.17 4.59
CA VAL D 12 16.35 14.70 3.43
C VAL D 12 15.74 16.03 2.99
N GLN D 13 14.41 16.06 2.87
CA GLN D 13 13.71 17.28 2.47
C GLN D 13 13.95 18.40 3.47
N ALA D 14 14.20 18.03 4.73
CA ALA D 14 14.47 19.02 5.77
C ALA D 14 15.61 19.95 5.33
N HIS D 15 16.60 19.39 4.65
CA HIS D 15 17.73 20.19 4.20
C HIS D 15 17.50 20.83 2.83
N TYR D 16 17.46 20.00 1.78
CA TYR D 16 17.31 20.44 0.39
C TYR D 16 16.07 21.22 -0.06
N ASP D 17 14.99 21.19 0.70
CA ASP D 17 13.79 21.94 0.29
C ASP D 17 13.66 23.25 1.04
N LEU D 18 14.74 23.68 1.67
CA LEU D 18 14.76 24.93 2.42
C LEU D 18 14.33 26.06 1.50
N SER D 19 14.94 26.13 0.31
CA SER D 19 14.64 27.16 -0.67
C SER D 19 15.73 27.20 -1.74
N ASP D 20 15.34 26.94 -2.99
CA ASP D 20 16.32 26.97 -4.07
C ASP D 20 17.06 28.31 -4.09
N ASP D 21 16.32 29.39 -3.89
CA ASP D 21 16.93 30.72 -3.88
C ASP D 21 17.99 30.84 -2.79
N PHE D 22 17.81 30.09 -1.71
CA PHE D 22 18.78 30.12 -0.62
C PHE D 22 20.05 29.41 -1.04
N PHE D 23 19.91 28.17 -1.50
CA PHE D 23 21.07 27.41 -1.93
C PHE D 23 21.81 28.13 -3.06
N ARG D 24 21.07 28.91 -3.84
CA ARG D 24 21.67 29.67 -4.94
C ARG D 24 22.60 30.74 -4.41
N LEU D 25 22.51 31.01 -3.11
CA LEU D 25 23.35 32.03 -2.49
C LEU D 25 24.79 31.56 -2.29
N PHE D 26 25.02 30.26 -2.33
CA PHE D 26 26.40 29.79 -2.13
C PHE D 26 26.89 28.73 -3.11
N LEU D 27 26.00 28.06 -3.83
CA LEU D 27 26.43 27.04 -4.79
C LEU D 27 26.75 27.69 -6.14
N ASP D 28 27.48 26.99 -7.00
CA ASP D 28 27.81 27.55 -8.31
C ASP D 28 26.55 27.48 -9.17
N PRO D 29 26.53 28.20 -10.30
CA PRO D 29 25.39 28.24 -11.23
C PRO D 29 24.73 26.90 -11.56
N THR D 30 25.51 25.83 -11.68
CA THR D 30 24.95 24.53 -12.01
C THR D 30 24.23 23.92 -10.82
N GLN D 31 24.34 24.58 -9.66
CA GLN D 31 23.71 24.10 -8.43
C GLN D 31 24.28 22.75 -8.00
N THR D 32 25.54 22.50 -8.34
CA THR D 32 26.18 21.24 -7.95
C THR D 32 26.48 21.36 -6.46
N TYR D 33 25.99 20.39 -5.67
CA TYR D 33 26.14 20.40 -4.22
C TYR D 33 27.01 19.23 -3.74
N SER D 34 28.28 19.27 -4.12
CA SER D 34 29.24 18.22 -3.77
C SER D 34 30.66 18.73 -4.05
N CYS D 35 31.66 17.95 -3.65
CA CYS D 35 33.06 18.33 -3.82
C CYS D 35 33.48 18.60 -5.26
N ALA D 36 34.09 19.76 -5.47
CA ALA D 36 34.55 20.14 -6.81
C ALA D 36 35.92 19.54 -7.05
N TYR D 37 36.35 19.52 -8.31
CA TYR D 37 37.65 18.98 -8.66
C TYR D 37 38.48 20.01 -9.41
N PHE D 38 39.39 20.66 -8.69
CA PHE D 38 40.24 21.68 -9.32
C PHE D 38 41.40 20.98 -10.02
N GLU D 39 41.06 20.27 -11.10
CA GLU D 39 42.03 19.55 -11.90
C GLU D 39 43.15 20.50 -12.29
N ARG D 40 42.81 21.78 -12.36
CA ARG D 40 43.78 22.82 -12.70
C ARG D 40 43.68 23.83 -11.56
N ASP D 41 44.83 24.34 -11.13
CA ASP D 41 44.88 25.29 -10.02
C ASP D 41 44.05 26.58 -10.18
N ASP D 42 43.90 27.07 -11.40
CA ASP D 42 43.16 28.30 -11.63
C ASP D 42 41.68 28.17 -12.05
N THR D 44 37.57 27.98 -11.88
CA THR D 44 36.54 28.68 -11.13
C THR D 44 35.74 27.55 -10.46
N LEU D 45 34.89 27.87 -9.50
CA LEU D 45 34.12 26.82 -8.84
C LEU D 45 33.30 26.06 -9.88
N GLN D 46 32.66 26.79 -10.79
CA GLN D 46 31.84 26.18 -11.83
C GLN D 46 32.68 25.24 -12.70
N GLU D 47 33.83 25.73 -13.17
CA GLU D 47 34.70 24.92 -14.00
C GLU D 47 35.11 23.66 -13.25
N ALA D 48 35.43 23.83 -11.97
CA ALA D 48 35.85 22.72 -11.12
C ALA D 48 34.73 21.72 -10.86
N GLN D 49 33.49 22.18 -10.83
CA GLN D 49 32.38 21.26 -10.61
C GLN D 49 32.16 20.42 -11.86
N ILE D 50 32.25 21.07 -13.02
CA ILE D 50 32.09 20.36 -14.29
C ILE D 50 33.20 19.33 -14.39
N ALA D 51 34.39 19.70 -13.92
CA ALA D 51 35.54 18.82 -13.94
C ALA D 51 35.29 17.59 -13.07
N LYS D 52 34.62 17.80 -11.95
CA LYS D 52 34.29 16.70 -11.04
C LYS D 52 33.27 15.78 -11.70
N ILE D 53 32.34 16.39 -12.42
CA ILE D 53 31.31 15.62 -13.12
C ILE D 53 31.90 14.78 -14.25
N ASP D 54 32.90 15.31 -14.94
CA ASP D 54 33.56 14.58 -16.03
C ASP D 54 34.47 13.49 -15.46
N LEU D 55 35.10 13.76 -14.33
CA LEU D 55 35.97 12.79 -13.68
C LEU D 55 35.12 11.55 -13.36
N ALA D 56 33.94 11.79 -12.79
CA ALA D 56 33.02 10.72 -12.41
C ALA D 56 32.43 9.99 -13.62
N LEU D 57 31.93 10.74 -14.59
CA LEU D 57 31.32 10.14 -15.78
C LEU D 57 32.39 9.47 -16.63
N GLY D 58 33.58 10.05 -16.65
CA GLY D 58 34.66 9.49 -17.44
C GLY D 58 35.12 8.11 -17.00
N LYS D 59 34.61 7.62 -15.88
CA LYS D 59 35.00 6.31 -15.38
C LYS D 59 33.95 5.24 -15.67
N LEU D 60 32.85 5.66 -16.28
CA LEU D 60 31.75 4.75 -16.57
C LEU D 60 31.71 4.10 -17.96
N GLY D 61 32.66 4.48 -18.82
CA GLY D 61 32.68 3.91 -20.15
C GLY D 61 31.36 4.14 -20.86
N LEU D 62 30.85 5.36 -20.79
CA LEU D 62 29.59 5.71 -21.43
C LEU D 62 29.65 5.58 -22.95
N GLN D 63 28.49 5.32 -23.55
CA GLN D 63 28.35 5.18 -25.00
C GLN D 63 26.98 5.71 -25.38
N PRO D 64 26.83 6.25 -26.60
CA PRO D 64 25.52 6.76 -26.99
C PRO D 64 24.43 5.71 -26.84
N GLY D 65 23.28 6.11 -26.32
CA GLY D 65 22.19 5.18 -26.17
C GLY D 65 22.06 4.43 -24.86
N THR D 67 21.79 3.82 -20.78
CA THR D 67 21.06 4.60 -19.79
C THR D 67 21.79 4.72 -18.47
N LEU D 68 21.98 5.97 -18.03
CA LEU D 68 22.67 6.26 -16.79
C LEU D 68 21.70 6.58 -15.65
N LEU D 69 21.90 5.94 -14.51
CA LEU D 69 21.05 6.19 -13.35
C LEU D 69 21.82 7.07 -12.37
N ASP D 70 21.25 8.21 -12.01
CA ASP D 70 21.88 9.12 -11.05
C ASP D 70 21.09 9.07 -9.76
N VAL D 71 21.64 8.40 -8.75
CA VAL D 71 20.98 8.29 -7.45
C VAL D 71 21.30 9.52 -6.62
N GLY D 72 20.29 10.37 -6.41
CA GLY D 72 20.47 11.59 -5.64
C GLY D 72 20.95 12.67 -6.58
N CYS D 73 20.21 12.81 -7.69
CA CYS D 73 20.55 13.75 -8.75
C CYS D 73 20.60 15.23 -8.39
N GLY D 74 20.20 15.58 -7.18
CA GLY D 74 20.21 16.98 -6.80
C GLY D 74 19.47 17.83 -7.81
N TRP D 75 20.05 18.96 -8.17
CA TRP D 75 19.40 19.84 -9.13
C TRP D 75 19.70 19.51 -10.59
N GLY D 76 20.11 18.27 -10.83
CA GLY D 76 20.36 17.77 -12.17
C GLY D 76 21.51 18.17 -13.07
N ALA D 77 22.53 18.87 -12.57
CA ALA D 77 23.65 19.26 -13.43
C ALA D 77 24.37 18.04 -14.03
N THR D 78 24.58 17.02 -13.21
CA THR D 78 25.25 15.81 -13.68
C THR D 78 24.47 15.10 -14.79
N ARG D 81 24.57 16.94 -18.02
CA ARG D 81 25.93 16.89 -18.55
C ARG D 81 26.12 15.54 -19.23
N ALA D 82 25.58 14.49 -18.61
CA ALA D 82 25.67 13.15 -19.16
C ALA D 82 24.96 13.17 -20.51
N VAL D 83 23.75 13.72 -20.54
CA VAL D 83 22.97 13.82 -21.78
C VAL D 83 23.71 14.64 -22.83
N GLU D 84 24.01 15.88 -22.48
CA GLU D 84 24.66 16.85 -23.36
C GLU D 84 26.01 16.48 -23.96
N LYS D 85 26.97 16.15 -23.10
CA LYS D 85 28.32 15.83 -23.54
C LYS D 85 28.57 14.37 -23.88
N TYR D 86 27.85 13.46 -23.23
CA TYR D 86 28.07 12.04 -23.50
C TYR D 86 26.99 11.35 -24.32
N ASP D 87 25.88 12.05 -24.53
CA ASP D 87 24.79 11.54 -25.34
C ASP D 87 24.13 10.24 -24.86
N VAL D 88 23.91 10.13 -23.56
CA VAL D 88 23.25 8.95 -22.99
C VAL D 88 21.89 9.38 -22.44
N ASN D 89 20.98 8.41 -22.31
CA ASN D 89 19.65 8.66 -21.73
C ASN D 89 19.88 8.67 -20.23
N VAL D 90 19.06 9.40 -19.48
CA VAL D 90 19.24 9.47 -18.03
C VAL D 90 17.97 9.30 -17.21
N VAL D 91 18.16 8.89 -15.96
CA VAL D 91 17.09 8.70 -14.99
C VAL D 91 17.63 9.21 -13.66
N GLY D 92 16.96 10.20 -13.07
CA GLY D 92 17.43 10.75 -11.82
C GLY D 92 16.49 10.53 -10.65
N LEU D 93 17.07 10.25 -9.49
CA LEU D 93 16.30 10.02 -8.26
C LEU D 93 16.65 11.04 -7.18
N THR D 94 15.63 11.56 -6.51
CA THR D 94 15.81 12.51 -5.44
C THR D 94 14.58 12.54 -4.53
N LEU D 95 14.82 12.68 -3.23
CA LEU D 95 13.74 12.72 -2.24
C LEU D 95 13.30 14.16 -2.04
N SER D 96 14.01 15.08 -2.68
CA SER D 96 13.70 16.50 -2.56
C SER D 96 12.61 16.94 -3.52
N LYS D 97 11.64 17.67 -2.99
CA LYS D 97 10.53 18.17 -3.78
C LYS D 97 11.02 19.27 -4.72
N ASN D 98 11.75 20.24 -4.17
CA ASN D 98 12.27 21.36 -4.96
C ASN D 98 13.23 20.93 -6.07
N GLN D 99 13.98 19.85 -5.83
CA GLN D 99 14.93 19.36 -6.83
C GLN D 99 14.20 18.59 -7.93
N ALA D 100 13.13 17.88 -7.56
CA ALA D 100 12.36 17.14 -8.53
C ALA D 100 11.69 18.16 -9.45
N ASN D 101 11.15 19.22 -8.87
CA ASN D 101 10.48 20.27 -9.64
C ASN D 101 11.42 21.04 -10.54
N HIS D 102 12.62 21.33 -10.06
CA HIS D 102 13.61 22.05 -10.85
C HIS D 102 14.11 21.21 -12.04
N VAL D 103 14.42 19.95 -11.78
CA VAL D 103 14.91 19.07 -12.83
C VAL D 103 13.82 18.75 -13.85
N GLN D 104 12.59 18.63 -13.37
CA GLN D 104 11.48 18.34 -14.28
C GLN D 104 11.39 19.44 -15.32
N GLN D 105 11.78 20.65 -14.92
CA GLN D 105 11.76 21.77 -15.86
C GLN D 105 12.96 21.75 -16.79
N LEU D 106 14.07 21.18 -16.35
CA LEU D 106 15.24 21.09 -17.21
C LEU D 106 14.91 20.07 -18.29
N VAL D 107 14.20 19.02 -17.89
CA VAL D 107 13.78 17.96 -18.81
C VAL D 107 12.78 18.53 -19.80
N ALA D 108 11.73 19.15 -19.27
CA ALA D 108 10.69 19.74 -20.11
C ALA D 108 11.22 20.72 -21.15
N ASN D 109 12.24 21.48 -20.79
CA ASN D 109 12.80 22.47 -21.70
C ASN D 109 14.02 22.02 -22.49
N SER D 110 14.41 20.77 -22.33
CA SER D 110 15.59 20.30 -23.06
C SER D 110 15.31 20.15 -24.55
N GLU D 111 16.33 20.46 -25.35
CA GLU D 111 16.24 20.38 -26.79
C GLU D 111 16.91 19.10 -27.29
N ASN D 112 17.46 18.32 -26.35
CA ASN D 112 18.15 17.07 -26.69
C ASN D 112 17.14 15.92 -26.82
N LEU D 113 17.35 15.08 -27.82
CA LEU D 113 16.47 13.94 -28.11
C LEU D 113 16.49 12.78 -27.12
N ARG D 114 17.58 12.63 -26.37
CA ARG D 114 17.68 11.51 -25.42
C ARG D 114 16.58 11.52 -24.36
N SER D 115 16.31 10.34 -23.83
CA SER D 115 15.29 10.16 -22.80
C SER D 115 15.84 10.67 -21.46
N LYS D 116 15.06 11.50 -20.79
CA LYS D 116 15.46 12.06 -19.50
C LYS D 116 14.29 11.96 -18.54
N ARG D 117 14.52 11.34 -17.40
CA ARG D 117 13.47 11.19 -16.40
C ARG D 117 13.96 11.48 -14.99
N VAL D 118 13.17 12.22 -14.24
CA VAL D 118 13.51 12.54 -12.86
C VAL D 118 12.35 12.04 -12.00
N LEU D 119 12.69 11.35 -10.91
CA LEU D 119 11.66 10.79 -10.04
C LEU D 119 11.81 11.22 -8.58
N LEU D 120 10.71 11.64 -7.98
CA LEU D 120 10.71 12.03 -6.58
C LEU D 120 10.56 10.69 -5.86
N ALA D 121 11.66 9.96 -5.78
CA ALA D 121 11.69 8.65 -5.14
C ALA D 121 13.12 8.32 -4.77
N GLY D 122 13.30 7.23 -4.04
CA GLY D 122 14.63 6.82 -3.63
C GLY D 122 15.00 5.52 -4.31
N TRP D 123 16.26 5.13 -4.24
CA TRP D 123 16.68 3.88 -4.86
C TRP D 123 15.89 2.73 -4.27
N GLU D 124 15.40 2.92 -3.04
CA GLU D 124 14.62 1.90 -2.35
C GLU D 124 13.33 1.59 -3.11
N GLN D 125 12.90 2.53 -3.95
CA GLN D 125 11.67 2.38 -4.72
C GLN D 125 11.90 2.29 -6.22
N PHE D 126 13.14 1.98 -6.61
CA PHE D 126 13.49 1.90 -8.01
C PHE D 126 14.03 0.50 -8.34
N ASP D 127 13.47 -0.15 -9.35
CA ASP D 127 13.90 -1.49 -9.74
C ASP D 127 14.11 -1.69 -11.24
N GLU D 128 14.31 -0.59 -11.96
CA GLU D 128 14.50 -0.66 -13.41
C GLU D 128 15.96 -0.87 -13.79
N PRO D 129 16.22 -1.77 -14.75
CA PRO D 129 17.58 -2.06 -15.22
C PRO D 129 18.19 -0.83 -15.91
N VAL D 130 19.47 -0.60 -15.65
CA VAL D 130 20.19 0.52 -16.24
C VAL D 130 21.57 0.00 -16.62
N ASP D 131 22.26 0.73 -17.49
CA ASP D 131 23.59 0.30 -17.92
C ASP D 131 24.71 0.75 -16.98
N ARG D 132 24.54 1.93 -16.40
CA ARG D 132 25.55 2.48 -15.49
C ARG D 132 24.89 3.32 -14.42
N ILE D 133 25.56 3.46 -13.28
CA ILE D 133 25.03 4.25 -12.18
C ILE D 133 26.05 5.25 -11.65
N VAL D 134 25.59 6.44 -11.29
CA VAL D 134 26.44 7.46 -10.71
C VAL D 134 25.69 7.95 -9.47
N SER D 135 26.43 8.18 -8.39
CA SER D 135 25.84 8.67 -7.15
C SER D 135 26.90 9.52 -6.46
N ILE D 136 26.63 10.82 -6.37
CA ILE D 136 27.57 11.76 -5.77
C ILE D 136 26.93 12.48 -4.58
N GLY D 137 27.46 12.23 -3.38
CA GLY D 137 26.96 12.88 -2.19
C GLY D 137 25.55 12.55 -1.76
N ALA D 138 25.09 11.34 -2.06
CA ALA D 138 23.75 10.90 -1.67
C ALA D 138 23.89 9.80 -0.64
N PHE D 139 24.95 9.01 -0.80
CA PHE D 139 25.25 7.88 0.08
C PHE D 139 25.22 8.24 1.56
N GLU D 140 25.75 9.42 1.90
CA GLU D 140 25.79 9.88 3.28
C GLU D 140 24.41 9.93 3.94
N HIS D 141 23.36 9.94 3.11
CA HIS D 141 21.98 10.00 3.59
C HIS D 141 21.32 8.64 3.73
N PHE D 142 21.93 7.62 3.17
CA PHE D 142 21.36 6.27 3.20
C PHE D 142 21.24 5.66 4.60
N GLY D 143 22.26 5.83 5.43
CA GLY D 143 22.23 5.27 6.76
C GLY D 143 22.91 3.91 6.72
N HIS D 144 23.78 3.64 7.70
CA HIS D 144 24.49 2.37 7.76
C HIS D 144 23.58 1.16 7.57
N GLU D 145 22.33 1.28 8.01
CA GLU D 145 21.36 0.18 7.92
C GLU D 145 20.90 -0.15 6.51
N ARG D 146 20.99 0.82 5.61
CA ARG D 146 20.55 0.62 4.22
C ARG D 146 21.70 0.29 3.29
N TYR D 147 22.93 0.52 3.74
CA TYR D 147 24.12 0.28 2.91
C TYR D 147 24.11 -1.01 2.09
N ASP D 148 23.95 -2.13 2.76
CA ASP D 148 23.95 -3.41 2.08
C ASP D 148 22.83 -3.53 1.04
N ALA D 149 21.63 -3.13 1.41
CA ALA D 149 20.48 -3.19 0.51
C ALA D 149 20.77 -2.35 -0.74
N PHE D 150 21.47 -1.23 -0.54
CA PHE D 150 21.79 -0.36 -1.67
C PHE D 150 22.70 -1.03 -2.68
N PHE D 151 23.78 -1.64 -2.21
CA PHE D 151 24.72 -2.29 -3.12
C PHE D 151 24.13 -3.51 -3.82
N SER D 152 23.26 -4.25 -3.14
CA SER D 152 22.66 -5.43 -3.77
C SER D 152 21.82 -4.96 -4.95
N LEU D 153 21.10 -3.87 -4.76
CA LEU D 153 20.25 -3.32 -5.82
C LEU D 153 21.10 -2.88 -6.99
N ALA D 154 22.07 -2.01 -6.72
CA ALA D 154 22.97 -1.48 -7.76
C ALA D 154 23.61 -2.62 -8.53
N HIS D 155 24.04 -3.66 -7.81
CA HIS D 155 24.67 -4.79 -8.48
C HIS D 155 23.63 -5.59 -9.25
N ARG D 156 22.38 -5.49 -8.81
CA ARG D 156 21.27 -6.21 -9.44
C ARG D 156 20.74 -5.53 -10.69
N LEU D 157 20.72 -4.20 -10.69
CA LEU D 157 20.21 -3.44 -11.84
C LEU D 157 21.24 -3.27 -12.96
N LEU D 158 22.52 -3.35 -12.61
CA LEU D 158 23.60 -3.21 -13.59
C LEU D 158 23.75 -4.43 -14.49
N PRO D 159 24.24 -4.22 -15.73
CA PRO D 159 24.43 -5.31 -16.69
C PRO D 159 25.67 -6.11 -16.31
N ALA D 160 25.93 -7.19 -17.03
CA ALA D 160 27.09 -8.03 -16.75
C ALA D 160 28.37 -7.19 -16.60
N ASP D 161 28.58 -6.26 -17.53
CA ASP D 161 29.76 -5.40 -17.48
C ASP D 161 29.40 -4.03 -16.92
N GLY D 162 28.44 -4.02 -16.00
CA GLY D 162 28.00 -2.77 -15.39
C GLY D 162 29.07 -2.12 -14.53
N VAL D 163 28.93 -0.82 -14.33
CA VAL D 163 29.87 -0.08 -13.51
C VAL D 163 29.09 0.99 -12.76
N LEU D 165 29.90 4.41 -10.24
CA LEU D 165 30.88 5.32 -9.69
C LEU D 165 30.22 5.86 -8.44
N LEU D 166 30.74 5.47 -7.28
CA LEU D 166 30.19 5.93 -6.01
C LEU D 166 31.14 6.96 -5.44
N HIS D 167 30.62 8.18 -5.28
CA HIS D 167 31.39 9.30 -4.76
C HIS D 167 30.72 9.69 -3.45
N THR D 168 31.45 9.54 -2.35
CA THR D 168 30.91 9.86 -1.04
C THR D 168 31.97 10.34 -0.07
N ILE D 169 31.51 11.09 0.91
CA ILE D 169 32.35 11.60 1.96
C ILE D 169 32.58 10.39 2.86
N THR D 170 33.79 10.25 3.41
CA THR D 170 34.09 9.14 4.31
C THR D 170 34.80 9.74 5.51
N GLY D 171 34.75 9.04 6.64
CA GLY D 171 35.39 9.60 7.82
C GLY D 171 36.00 8.56 8.76
N LEU D 172 36.85 9.05 9.66
CA LEU D 172 37.51 8.19 10.63
C LEU D 172 36.62 8.10 11.87
N HIS D 173 36.87 7.09 12.69
CA HIS D 173 36.12 6.89 13.94
C HIS D 173 36.82 7.68 15.03
N PRO D 174 36.07 8.52 15.77
CA PRO D 174 36.65 9.34 16.85
C PRO D 174 37.55 8.54 17.80
N LYS D 175 37.10 7.34 18.17
CA LYS D 175 37.87 6.49 19.07
C LYS D 175 39.19 6.08 18.41
N GLU D 176 39.13 5.81 17.10
CA GLU D 176 40.30 5.43 16.33
C GLU D 176 41.33 6.55 16.37
N ILE D 177 40.86 7.79 16.20
CA ILE D 177 41.72 8.96 16.20
C ILE D 177 42.35 9.17 17.57
N HIS D 178 41.60 8.87 18.62
CA HIS D 178 42.09 9.02 19.98
C HIS D 178 43.16 7.96 20.31
N GLU D 179 42.94 6.75 19.83
CA GLU D 179 43.87 5.65 20.07
C GLU D 179 45.21 5.91 19.38
N ARG D 180 45.17 6.62 18.24
CA ARG D 180 46.39 6.92 17.50
C ARG D 180 47.18 8.07 18.12
N GLY D 181 46.64 8.66 19.18
CA GLY D 181 47.31 9.76 19.85
C GLY D 181 47.01 11.12 19.28
N LEU D 182 46.21 11.16 18.21
CA LEU D 182 45.85 12.42 17.57
C LEU D 182 44.80 13.17 18.38
N PRO D 183 44.87 14.52 18.38
CA PRO D 183 43.93 15.38 19.11
C PRO D 183 42.63 15.65 18.36
N SER D 185 39.72 14.61 18.78
CA SER D 185 38.72 13.53 18.74
C SER D 185 37.36 13.94 19.28
N PHE D 186 37.34 14.66 20.39
CA PHE D 186 36.09 15.12 21.00
C PHE D 186 35.49 16.26 20.21
N THR D 187 36.33 17.21 19.81
CA THR D 187 35.88 18.35 19.03
C THR D 187 35.23 17.81 17.76
N PHE D 188 35.83 16.75 17.23
CA PHE D 188 35.35 16.10 16.01
C PHE D 188 34.00 15.44 16.29
N ALA D 189 33.90 14.76 17.44
CA ALA D 189 32.67 14.09 17.83
C ALA D 189 31.53 15.08 17.97
N ARG D 190 31.81 16.20 18.63
CA ARG D 190 30.80 17.23 18.82
C ARG D 190 30.41 17.80 17.46
N PHE D 191 31.37 17.77 16.54
CA PHE D 191 31.18 18.26 15.17
C PHE D 191 30.16 17.38 14.45
N LEU D 192 30.40 16.08 14.47
CA LEU D 192 29.51 15.14 13.81
C LEU D 192 28.11 15.28 14.38
N LYS D 193 28.02 15.57 15.68
CA LYS D 193 26.74 15.74 16.37
C LYS D 193 25.96 16.91 15.76
N PHE D 194 26.59 18.08 15.74
CA PHE D 194 25.95 19.26 15.17
C PHE D 194 25.45 19.03 13.75
N ILE D 195 26.34 18.57 12.87
CA ILE D 195 25.98 18.33 11.47
C ILE D 195 24.78 17.38 11.30
N VAL D 196 24.78 16.29 12.06
CA VAL D 196 23.71 15.31 11.96
C VAL D 196 22.38 15.74 12.56
N THR D 197 22.40 16.70 13.48
CA THR D 197 21.16 17.14 14.11
C THR D 197 20.61 18.45 13.56
N GLU D 198 21.48 19.38 13.20
CA GLU D 198 21.04 20.67 12.70
C GLU D 198 21.16 20.90 11.19
N ILE D 199 21.96 20.08 10.51
CA ILE D 199 22.15 20.26 9.07
C ILE D 199 21.61 19.10 8.24
N PHE D 200 22.05 17.89 8.54
CA PHE D 200 21.61 16.73 7.79
C PHE D 200 20.98 15.66 8.68
N PRO D 201 19.74 15.90 9.12
CA PRO D 201 19.06 14.92 9.97
C PRO D 201 19.14 13.53 9.34
N GLY D 202 19.51 12.54 10.14
CA GLY D 202 19.60 11.18 9.62
C GLY D 202 20.90 10.86 8.92
N GLY D 203 21.74 11.87 8.74
CA GLY D 203 23.02 11.67 8.08
C GLY D 203 23.92 10.70 8.83
N ARG D 204 24.77 10.00 8.09
CA ARG D 204 25.69 9.05 8.69
C ARG D 204 26.91 8.91 7.78
N LEU D 205 28.10 9.04 8.35
CA LEU D 205 29.31 8.94 7.57
C LEU D 205 29.90 7.54 7.54
N PRO D 206 30.19 7.03 6.34
CA PRO D 206 30.77 5.69 6.24
C PRO D 206 32.29 5.81 6.27
N SER D 207 32.96 4.72 6.63
CA SER D 207 34.41 4.71 6.63
C SER D 207 34.76 4.04 5.31
N ILE D 208 35.97 4.23 4.84
CA ILE D 208 36.39 3.62 3.58
C ILE D 208 36.24 2.11 3.64
N PRO D 209 36.65 1.48 4.76
CA PRO D 209 36.52 0.02 4.83
C PRO D 209 35.04 -0.40 4.76
N VAL D 211 32.64 0.94 3.04
CA VAL D 211 32.22 0.95 1.64
C VAL D 211 32.82 -0.22 0.89
N GLN D 212 34.11 -0.46 1.11
CA GLN D 212 34.82 -1.57 0.47
C GLN D 212 34.19 -2.91 0.80
N GLU D 213 33.75 -3.04 2.05
CA GLU D 213 33.13 -4.25 2.55
C GLU D 213 31.75 -4.50 1.92
N CYS D 214 30.88 -3.52 2.00
CA CYS D 214 29.54 -3.66 1.43
C CYS D 214 29.55 -3.86 -0.09
N ALA D 215 30.49 -3.21 -0.77
CA ALA D 215 30.59 -3.34 -2.22
C ALA D 215 31.09 -4.74 -2.56
N SER D 216 32.16 -5.14 -1.90
CA SER D 216 32.76 -6.45 -2.09
C SER D 216 31.81 -7.58 -1.72
N ALA D 217 31.06 -7.38 -0.64
CA ALA D 217 30.10 -8.37 -0.17
C ALA D 217 28.95 -8.57 -1.14
N ASN D 218 28.78 -7.61 -2.04
CA ASN D 218 27.69 -7.68 -3.00
C ASN D 218 28.12 -7.96 -4.44
N GLY D 219 29.35 -8.43 -4.61
CA GLY D 219 29.84 -8.77 -5.94
C GLY D 219 30.66 -7.75 -6.70
N PHE D 220 30.82 -6.55 -6.15
CA PHE D 220 31.60 -5.52 -6.84
C PHE D 220 33.10 -5.59 -6.57
N THR D 221 33.87 -5.22 -7.58
CA THR D 221 35.33 -5.18 -7.49
C THR D 221 35.70 -3.70 -7.54
N VAL D 222 36.19 -3.17 -6.42
CA VAL D 222 36.56 -1.76 -6.36
C VAL D 222 37.92 -1.57 -7.00
N THR D 223 37.91 -1.24 -8.29
CA THR D 223 39.14 -1.05 -9.05
C THR D 223 39.88 0.25 -8.78
N ARG D 224 39.21 1.22 -8.16
CA ARG D 224 39.87 2.48 -7.84
C ARG D 224 39.16 3.30 -6.76
N VAL D 225 39.96 3.85 -5.87
CA VAL D 225 39.46 4.70 -4.81
C VAL D 225 40.30 5.97 -4.96
N GLN D 226 39.65 7.05 -5.40
CA GLN D 226 40.36 8.31 -5.58
C GLN D 226 39.84 9.36 -4.60
N SER D 227 40.75 9.91 -3.81
CA SER D 227 40.40 10.93 -2.82
C SER D 227 40.49 12.34 -3.39
N LEU D 228 39.53 13.18 -3.02
CA LEU D 228 39.51 14.57 -3.46
C LEU D 228 39.53 15.43 -2.21
N GLN D 229 40.04 14.86 -1.12
CA GLN D 229 40.13 15.53 0.16
C GLN D 229 40.51 17.01 0.13
N PRO D 230 41.66 17.34 -0.47
CA PRO D 230 42.12 18.73 -0.54
C PRO D 230 41.10 19.63 -1.24
N HIS D 231 40.51 19.11 -2.30
CA HIS D 231 39.54 19.86 -3.09
C HIS D 231 38.29 20.25 -2.33
N TYR D 232 37.90 19.49 -1.31
CA TYR D 232 36.70 19.84 -0.57
C TYR D 232 36.89 21.03 0.36
N ALA D 233 38.08 21.15 0.94
CA ALA D 233 38.36 22.28 1.83
C ALA D 233 38.23 23.56 1.01
N LYS D 234 38.70 23.52 -0.22
CA LYS D 234 38.63 24.68 -1.10
C LYS D 234 37.17 24.96 -1.46
N THR D 235 36.47 23.93 -1.91
CA THR D 235 35.06 24.04 -2.29
C THR D 235 34.25 24.69 -1.17
N LEU D 236 34.43 24.21 0.05
CA LEU D 236 33.71 24.75 1.20
C LEU D 236 34.09 26.21 1.45
N ASP D 237 35.36 26.55 1.25
CA ASP D 237 35.78 27.95 1.46
C ASP D 237 35.06 28.87 0.48
N LEU D 238 34.89 28.40 -0.76
CA LEU D 238 34.22 29.19 -1.79
C LEU D 238 32.73 29.27 -1.53
N TRP D 239 32.16 28.18 -1.01
CA TRP D 239 30.74 28.20 -0.68
C TRP D 239 30.60 29.20 0.47
N SER D 240 31.53 29.14 1.41
CA SER D 240 31.56 30.01 2.58
C SER D 240 31.65 31.49 2.20
N ALA D 241 32.58 31.81 1.31
CA ALA D 241 32.78 33.19 0.86
C ALA D 241 31.54 33.78 0.20
N ALA D 242 30.88 32.99 -0.64
CA ALA D 242 29.68 33.43 -1.33
C ALA D 242 28.51 33.66 -0.37
N LEU D 243 28.24 32.67 0.46
CA LEU D 243 27.14 32.79 1.42
C LEU D 243 27.31 34.03 2.28
N GLN D 244 28.53 34.24 2.77
CA GLN D 244 28.83 35.39 3.61
C GLN D 244 28.54 36.70 2.89
N ALA D 245 28.97 36.78 1.63
CA ALA D 245 28.77 38.00 0.85
C ALA D 245 27.29 38.19 0.55
N ASN D 246 26.51 37.11 0.70
CA ASN D 246 25.07 37.13 0.45
C ASN D 246 24.29 37.07 1.76
N LYS D 247 24.92 37.48 2.85
CA LYS D 247 24.29 37.46 4.18
C LYS D 247 22.92 38.11 4.21
N GLY D 248 22.83 39.34 3.72
CA GLY D 248 21.56 40.05 3.69
C GLY D 248 20.46 39.24 3.05
N GLN D 249 20.75 38.65 1.89
CA GLN D 249 19.76 37.85 1.18
C GLN D 249 19.43 36.59 1.97
N ALA D 250 20.46 35.98 2.55
CA ALA D 250 20.30 34.76 3.35
C ALA D 250 19.24 34.96 4.43
N ILE D 251 19.39 36.03 5.20
CA ILE D 251 18.46 36.34 6.27
C ILE D 251 17.13 36.78 5.70
N ALA D 252 17.18 37.63 4.67
CA ALA D 252 15.98 38.14 4.02
C ALA D 252 15.08 36.99 3.56
N LEU D 253 15.65 36.08 2.77
CA LEU D 253 14.90 34.93 2.25
C LEU D 253 14.55 33.96 3.37
N GLN D 254 15.52 33.65 4.20
CA GLN D 254 15.33 32.74 5.32
C GLN D 254 15.28 33.47 6.65
N SER D 255 16.17 33.11 7.55
CA SER D 255 16.24 33.72 8.87
C SER D 255 17.67 33.78 9.37
N GLU D 256 17.96 34.80 10.17
CA GLU D 256 19.28 35.00 10.75
C GLU D 256 19.81 33.71 11.37
N GLU D 257 18.89 32.91 11.91
CA GLU D 257 19.25 31.65 12.55
C GLU D 257 19.75 30.66 11.51
N VAL D 258 19.10 30.61 10.35
CA VAL D 258 19.50 29.69 9.29
C VAL D 258 20.86 30.06 8.72
N TYR D 259 21.07 31.36 8.51
CA TYR D 259 22.35 31.84 7.98
C TYR D 259 23.49 31.41 8.88
N GLU D 260 23.37 31.76 10.16
CA GLU D 260 24.36 31.45 11.17
C GLU D 260 24.60 29.95 11.26
N ARG D 261 23.54 29.18 11.10
CA ARG D 261 23.66 27.73 11.15
C ARG D 261 24.48 27.24 9.96
N TYR D 262 24.16 27.74 8.77
CA TYR D 262 24.89 27.32 7.59
C TYR D 262 26.34 27.77 7.51
N LYS D 264 28.32 28.14 10.06
CA LYS D 264 29.04 27.30 11.01
C LYS D 264 29.25 25.92 10.37
N TYR D 265 28.26 25.50 9.58
CA TYR D 265 28.32 24.21 8.89
C TYR D 265 29.42 24.23 7.83
N LEU D 266 29.36 25.20 6.92
CA LEU D 266 30.35 25.31 5.84
C LEU D 266 31.77 25.52 6.35
N THR D 267 31.94 26.43 7.29
CA THR D 267 33.26 26.72 7.84
C THR D 267 33.82 25.56 8.65
N GLY D 268 32.95 24.88 9.38
CA GLY D 268 33.38 23.76 10.20
C GLY D 268 33.83 22.54 9.41
N CYS D 269 33.14 22.25 8.32
CA CYS D 269 33.49 21.11 7.50
C CYS D 269 34.82 21.34 6.80
N ALA D 270 35.06 22.58 6.40
CA ALA D 270 36.30 22.96 5.71
C ALA D 270 37.51 22.64 6.58
N GLU D 271 37.44 22.99 7.86
CA GLU D 271 38.56 22.74 8.76
C GLU D 271 38.75 21.27 9.10
N PHE D 273 38.12 18.88 7.03
CA PHE D 273 38.73 18.30 5.84
C PHE D 273 40.23 18.60 5.84
N ARG D 274 40.60 19.80 6.28
CA ARG D 274 42.01 20.19 6.32
C ARG D 274 42.82 19.31 7.26
N ILE D 275 42.33 19.09 8.47
CA ILE D 275 43.04 18.27 9.42
C ILE D 275 43.02 16.80 9.02
N GLY D 276 42.16 16.46 8.07
CA GLY D 276 42.08 15.11 7.58
C GLY D 276 41.19 14.12 8.32
N TYR D 277 40.30 14.60 9.17
CA TYR D 277 39.42 13.69 9.89
C TYR D 277 38.26 13.22 9.02
N ILE D 278 37.97 13.97 7.97
CA ILE D 278 36.95 13.59 7.02
C ILE D 278 37.60 13.61 5.66
N ASP D 279 37.13 12.73 4.78
CA ASP D 279 37.70 12.59 3.44
C ASP D 279 36.51 12.47 2.47
N VAL D 280 36.83 12.41 1.17
CA VAL D 280 35.81 12.26 0.15
C VAL D 280 36.46 11.43 -0.95
N ASN D 281 35.82 10.33 -1.33
CA ASN D 281 36.39 9.44 -2.34
C ASN D 281 35.41 8.95 -3.39
N GLN D 282 35.92 8.74 -4.60
CA GLN D 282 35.12 8.20 -5.67
C GLN D 282 35.55 6.74 -5.77
N PHE D 283 34.60 5.83 -5.64
CA PHE D 283 34.87 4.40 -5.71
C PHE D 283 34.35 3.87 -7.03
N THR D 284 35.25 3.37 -7.87
CA THR D 284 34.83 2.79 -9.14
C THR D 284 34.45 1.36 -8.79
N CYS D 285 33.16 1.06 -8.89
CA CYS D 285 32.65 -0.26 -8.55
C CYS D 285 32.35 -1.10 -9.80
N GLN D 286 33.25 -2.04 -10.08
CA GLN D 286 33.13 -2.91 -11.24
C GLN D 286 32.31 -4.17 -10.97
N LYS D 287 31.38 -4.49 -11.85
CA LYS D 287 30.55 -5.67 -11.67
C LYS D 287 31.21 -6.86 -12.37
#